data_7VUK
#
_entry.id   7VUK
#
_cell.length_a   133.654
_cell.length_b   133.654
_cell.length_c   197.461
_cell.angle_alpha   90.000
_cell.angle_beta   90.000
_cell.angle_gamma   90.000
#
_symmetry.space_group_name_H-M   'P 41 21 2'
#
loop_
_entity.id
_entity.type
_entity.pdbx_description
1 polymer 'Endonuclease MutS2'
2 non-polymer 'MAGNESIUM ION'
3 non-polymer 'SODIUM ION'
4 non-polymer 'CHLORIDE ION'
5 non-polymer DI(HYDROXYETHYL)ETHER
6 non-polymer "ADENOSINE-5'-DIPHOSPHATE"
7 water water
#
_entity_poly.entity_id   1
_entity_poly.type   'polypeptide(L)'
_entity_poly.pdbx_seq_one_letter_code
;MRDVLEVLEFPRVRALLAERAKTPLGRELALALAPLPREEAEKRHELTGEALSYPYALPEAGTLREAYGRALAGARLSGP
ELLKAAKALEEAMALKEELLPLKNALSQVAEGIGDHTPFLERVRKALDEEGAVKDEASPRLAQIRRELRPLRQQILDRLY
ALMDRHREAFQDRFVTLRRERYCVPVRAGMAQKVPGILLDESESGATLFIEPFSVVKLNNRLQALRLKEEEEVNRILRDL
SERLAKDEGVPKTLEALGLLDLVQAQAALARDLGLSRPAFGERYELYRAFHPLIPDAVRNSFALDEKNRILLISGPNMGG
KTALLKTLGLAVLMAQSGLFVAAEKALLAWPDRVYADIGDEQSLQENLSTFAGHLRRLREMLEEATSHSLVLIDELGSGT
DPEEGAALSQAILEALLERGVKGMVTTHLSPLKAFAQGREGIQNASMRFDLEALRPTYELVLGVPGRSYALAIARRLALP
EEVLKRAE
;
_entity_poly.pdbx_strand_id   A,B
#
# COMPACT_ATOMS: atom_id res chain seq x y z
N MET A 1 16.33 4.80 -14.02
CA MET A 1 15.53 4.19 -12.95
C MET A 1 16.00 4.66 -11.57
N ARG A 2 17.23 5.20 -11.50
CA ARG A 2 18.18 4.86 -10.44
C ARG A 2 18.43 3.35 -10.35
N ASP A 3 18.60 2.71 -11.51
CA ASP A 3 19.91 2.16 -11.86
C ASP A 3 20.97 3.25 -11.89
N VAL A 4 20.65 4.40 -12.49
CA VAL A 4 21.68 5.39 -12.81
C VAL A 4 22.30 5.98 -11.55
N LEU A 5 21.56 6.00 -10.45
CA LEU A 5 22.18 6.28 -9.16
C LEU A 5 23.28 5.25 -8.84
N GLU A 6 22.95 3.97 -8.97
CA GLU A 6 23.96 2.93 -8.75
C GLU A 6 25.09 3.04 -9.76
N VAL A 7 24.74 3.34 -11.02
CA VAL A 7 25.75 3.37 -12.08
C VAL A 7 26.79 4.43 -11.80
N LEU A 8 26.36 5.61 -11.38
CA LEU A 8 27.25 6.76 -11.23
C LEU A 8 27.94 6.80 -9.88
N GLU A 9 27.93 5.70 -9.14
CA GLU A 9 28.57 5.60 -7.83
C GLU A 9 28.02 6.63 -6.84
N PHE A 10 26.72 6.93 -6.95
CA PHE A 10 26.08 7.79 -5.98
C PHE A 10 26.14 7.26 -4.55
N PRO A 11 25.87 5.97 -4.27
CA PRO A 11 25.97 5.51 -2.87
C PRO A 11 27.36 5.68 -2.28
N ARG A 12 28.41 5.71 -3.11
CA ARG A 12 29.71 6.14 -2.62
C ARG A 12 29.69 7.58 -2.15
N VAL A 13 29.00 8.45 -2.90
CA VAL A 13 28.84 9.84 -2.45
C VAL A 13 28.02 9.91 -1.17
N ARG A 14 26.98 9.07 -1.06
CA ARG A 14 26.26 8.94 0.20
C ARG A 14 27.20 8.51 1.33
N ALA A 15 28.08 7.55 1.05
CA ALA A 15 28.92 6.99 2.09
C ALA A 15 29.85 8.04 2.68
N LEU A 16 30.40 8.91 1.83
CA LEU A 16 31.15 10.05 2.34
C LEU A 16 30.27 10.98 3.18
N LEU A 17 29.06 11.25 2.70
CA LEU A 17 28.20 12.22 3.39
C LEU A 17 27.76 11.68 4.75
N ALA A 18 27.34 10.41 4.80
CA ALA A 18 26.94 9.82 6.08
C ALA A 18 28.12 9.73 7.05
N GLU A 19 29.34 9.66 6.53
CA GLU A 19 30.52 9.63 7.39
C GLU A 19 30.64 10.90 8.22
N ARG A 20 30.13 12.02 7.72
CA ARG A 20 30.26 13.31 8.36
C ARG A 20 29.02 13.73 9.14
N ALA A 21 28.08 12.81 9.32
CA ALA A 21 27.03 13.00 10.32
C ALA A 21 27.61 13.00 11.72
N LYS A 22 27.10 13.89 12.57
CA LYS A 22 27.38 13.86 14.00
C LYS A 22 26.40 12.99 14.78
N THR A 23 25.30 12.59 14.18
CA THR A 23 24.29 11.74 14.81
C THR A 23 23.97 10.57 13.89
N PRO A 24 23.43 9.48 14.43
CA PRO A 24 22.76 8.50 13.56
C PRO A 24 21.62 9.08 12.76
N LEU A 25 20.91 10.09 13.31
CA LEU A 25 19.75 10.63 12.63
C LEU A 25 20.14 11.26 11.29
N GLY A 26 21.20 12.08 11.28
CA GLY A 26 21.72 12.59 10.04
C GLY A 26 22.32 11.50 9.17
N ARG A 27 22.97 10.52 9.80
CA ARG A 27 23.61 9.44 9.05
C ARG A 27 22.58 8.64 8.26
N GLU A 28 21.43 8.35 8.86
CA GLU A 28 20.36 7.67 8.16
C GLU A 28 19.85 8.49 6.99
N LEU A 29 19.72 9.81 7.17
CA LEU A 29 19.24 10.67 6.08
C LEU A 29 20.21 10.64 4.90
N ALA A 30 21.51 10.68 5.17
CA ALA A 30 22.49 10.78 4.09
C ALA A 30 22.51 9.53 3.24
N LEU A 31 22.45 8.36 3.86
CA LEU A 31 22.33 7.11 3.12
C LEU A 31 20.99 6.97 2.42
N ALA A 32 19.99 7.76 2.79
CA ALA A 32 18.69 7.77 2.13
C ALA A 32 18.54 8.92 1.16
N LEU A 33 19.62 9.59 0.80
CA LEU A 33 19.53 10.84 0.06
C LEU A 33 19.15 10.57 -1.39
N ALA A 34 18.11 11.26 -1.86
CA ALA A 34 17.52 11.02 -3.16
C ALA A 34 17.40 12.34 -3.91
N PRO A 35 17.41 12.31 -5.24
CA PRO A 35 17.03 13.50 -6.00
C PRO A 35 15.60 13.93 -5.70
N LEU A 36 15.39 15.24 -5.71
CA LEU A 36 14.34 15.88 -4.91
C LEU A 36 13.34 16.58 -5.84
N PRO A 37 12.18 16.99 -5.32
CA PRO A 37 11.50 18.14 -5.92
C PRO A 37 12.37 19.38 -5.89
N ARG A 38 12.19 20.25 -6.89
CA ARG A 38 13.18 21.29 -7.17
C ARG A 38 13.21 22.34 -6.07
N GLU A 39 12.06 22.66 -5.47
CA GLU A 39 12.03 23.63 -4.39
C GLU A 39 12.86 23.16 -3.20
N GLU A 40 12.68 21.89 -2.79
CA GLU A 40 13.50 21.34 -1.73
C GLU A 40 14.97 21.27 -2.13
N ALA A 41 15.25 21.02 -3.40
CA ALA A 41 16.63 21.12 -3.88
C ALA A 41 17.18 22.53 -3.69
N GLU A 42 16.49 23.52 -4.24
CA GLU A 42 17.00 24.89 -4.19
C GLU A 42 17.01 25.42 -2.75
N LYS A 43 16.07 24.97 -1.92
CA LYS A 43 16.18 25.22 -0.49
C LYS A 43 17.48 24.67 0.07
N ARG A 44 17.72 23.36 -0.12
CA ARG A 44 18.72 22.68 0.70
C ARG A 44 20.14 23.16 0.43
N HIS A 45 20.36 23.87 -0.68
CA HIS A 45 21.59 24.64 -0.83
C HIS A 45 21.58 25.88 0.07
N GLU A 46 20.44 26.57 0.14
CA GLU A 46 20.34 27.75 0.99
C GLU A 46 20.59 27.42 2.46
N LEU A 47 20.33 26.18 2.86
CA LEU A 47 20.74 25.72 4.19
C LEU A 47 22.21 25.29 4.20
N THR A 48 22.62 24.50 3.20
CA THR A 48 24.00 24.04 3.17
C THR A 48 24.97 25.18 2.93
N GLY A 49 24.54 26.23 2.22
CA GLY A 49 25.27 27.48 2.22
C GLY A 49 25.36 28.13 3.58
N GLU A 50 24.21 28.41 4.20
CA GLU A 50 24.21 29.24 5.40
C GLU A 50 24.79 28.51 6.59
N ALA A 51 24.70 27.18 6.62
CA ALA A 51 25.37 26.39 7.65
C ALA A 51 26.87 26.27 7.43
N LEU A 52 27.37 26.65 6.26
CA LEU A 52 28.77 27.05 6.14
C LEU A 52 29.02 28.44 6.72
N SER A 53 28.10 29.38 6.47
CA SER A 53 28.32 30.76 6.91
C SER A 53 28.26 30.85 8.43
N TYR A 54 27.22 30.28 9.03
CA TYR A 54 27.12 30.14 10.48
C TYR A 54 27.16 28.67 10.83
N PRO A 55 28.33 28.10 11.12
CA PRO A 55 28.40 26.73 11.64
C PRO A 55 27.80 26.64 13.03
N TYR A 56 27.57 25.41 13.46
CA TYR A 56 27.03 25.14 14.78
C TYR A 56 27.53 23.78 15.25
N ALA A 57 27.06 23.37 16.41
CA ALA A 57 27.24 22.01 16.91
C ALA A 57 25.89 21.43 17.29
N LEU A 58 25.85 20.12 17.46
CA LEU A 58 24.59 19.38 17.56
C LEU A 58 24.60 18.49 18.80
N PRO A 59 23.42 18.22 19.37
CA PRO A 59 23.35 17.34 20.55
C PRO A 59 23.61 15.88 20.19
N GLU A 60 23.41 14.99 21.17
CA GLU A 60 23.58 13.56 20.97
C GLU A 60 22.28 12.87 20.58
N ALA A 61 21.40 13.58 19.86
CA ALA A 61 20.22 12.95 19.29
C ALA A 61 20.57 11.69 18.52
N GLY A 62 19.62 10.77 18.47
CA GLY A 62 19.93 9.35 18.45
C GLY A 62 19.94 8.70 19.82
N THR A 63 20.87 9.12 20.69
CA THR A 63 20.77 8.74 22.09
C THR A 63 19.63 9.45 22.80
N LEU A 64 19.22 10.62 22.31
CA LEU A 64 17.87 11.11 22.59
C LEU A 64 16.82 10.16 22.02
N ARG A 65 16.97 9.78 20.76
CA ARG A 65 15.94 8.96 20.11
C ARG A 65 15.86 7.58 20.76
N GLU A 66 16.99 6.91 20.93
CA GLU A 66 16.97 5.51 21.35
C GLU A 66 16.51 5.37 22.79
N ALA A 67 16.93 6.29 23.67
CA ALA A 67 16.40 6.32 25.03
C ALA A 67 14.91 6.66 25.04
N TYR A 68 14.49 7.63 24.23
CA TYR A 68 13.07 7.92 24.06
C TYR A 68 12.33 6.79 23.34
N GLY A 69 13.05 5.91 22.64
CA GLY A 69 12.57 4.57 22.38
C GLY A 69 12.15 3.83 23.63
N ARG A 70 13.10 3.60 24.54
CA ARG A 70 12.89 2.67 25.65
C ARG A 70 11.89 3.18 26.67
N ALA A 71 11.55 4.47 26.63
CA ALA A 71 10.44 5.02 27.41
C ALA A 71 9.17 5.19 26.59
N LEU A 72 9.17 4.78 25.33
CA LEU A 72 7.93 4.38 24.66
C LEU A 72 7.66 2.89 24.78
N ALA A 73 8.70 2.07 24.89
CA ALA A 73 8.55 0.71 25.38
C ALA A 73 8.29 0.67 26.88
N GLY A 74 8.67 1.71 27.61
CA GLY A 74 8.41 1.76 29.04
C GLY A 74 9.32 0.84 29.83
N ALA A 75 10.63 0.95 29.62
CA ALA A 75 11.61 0.53 30.61
C ALA A 75 11.60 1.48 31.81
N ARG A 76 12.04 0.96 32.94
CA ARG A 76 12.51 1.80 34.05
C ARG A 76 13.87 2.37 33.68
N LEU A 77 13.86 3.60 33.16
CA LEU A 77 15.04 4.15 32.51
C LEU A 77 16.15 4.41 33.52
N SER A 78 17.40 4.33 33.05
CA SER A 78 18.54 4.49 33.93
C SER A 78 18.69 5.94 34.36
N GLY A 79 19.35 6.13 35.51
CA GLY A 79 19.41 7.41 36.16
C GLY A 79 20.17 8.47 35.37
N PRO A 80 21.40 8.17 34.97
CA PRO A 80 22.04 9.00 33.93
C PRO A 80 21.28 9.00 32.62
N GLU A 81 20.64 7.89 32.25
CA GLU A 81 20.11 7.76 30.90
C GLU A 81 18.98 8.74 30.63
N LEU A 82 18.25 9.14 31.68
CA LEU A 82 17.26 10.19 31.53
C LEU A 82 17.92 11.57 31.48
N LEU A 83 18.99 11.77 32.24
CA LEU A 83 19.70 13.04 32.19
C LEU A 83 20.28 13.30 30.80
N LYS A 84 20.84 12.26 30.17
CA LYS A 84 21.45 12.44 28.86
C LYS A 84 20.42 12.84 27.81
N ALA A 85 19.24 12.23 27.84
CA ALA A 85 18.16 12.65 26.95
C ALA A 85 17.73 14.08 27.25
N ALA A 86 17.63 14.44 28.54
CA ALA A 86 17.29 15.81 28.89
C ALA A 86 18.38 16.78 28.45
N LYS A 87 19.65 16.39 28.59
CA LYS A 87 20.73 17.28 28.22
C LYS A 87 20.68 17.62 26.74
N ALA A 88 20.42 16.62 25.88
CA ALA A 88 20.20 16.90 24.47
C ALA A 88 18.99 17.79 24.24
N LEU A 89 17.90 17.51 24.96
CA LEU A 89 16.68 18.30 24.79
C LEU A 89 16.89 19.75 25.19
N GLU A 90 17.59 19.98 26.30
CA GLU A 90 18.09 21.32 26.59
C GLU A 90 19.04 21.80 25.50
N GLU A 91 20.00 20.95 25.12
CA GLU A 91 20.98 21.35 24.11
C GLU A 91 20.32 21.57 22.75
N ALA A 92 19.18 20.91 22.50
CA ALA A 92 18.43 21.18 21.29
C ALA A 92 17.81 22.56 21.31
N MET A 93 17.35 23.01 22.47
CA MET A 93 16.68 24.30 22.56
C MET A 93 17.65 25.47 22.56
N ALA A 94 18.91 25.23 22.93
CA ALA A 94 19.94 26.25 22.77
C ALA A 94 20.12 26.62 21.30
N LEU A 95 20.04 25.62 20.42
CA LEU A 95 20.07 25.90 18.99
C LEU A 95 18.95 26.84 18.59
N LYS A 96 17.72 26.56 19.03
CA LYS A 96 16.58 27.34 18.56
C LYS A 96 16.70 28.79 19.00
N GLU A 97 17.12 29.02 20.26
CA GLU A 97 17.42 30.38 20.69
C GLU A 97 18.61 30.97 19.93
N GLU A 98 19.59 30.13 19.59
CA GLU A 98 20.76 30.62 18.86
C GLU A 98 20.49 30.77 17.37
N LEU A 99 19.61 29.94 16.80
CA LEU A 99 19.39 29.90 15.36
C LEU A 99 18.15 30.65 14.92
N LEU A 100 17.43 31.29 15.83
CA LEU A 100 16.27 32.08 15.43
C LEU A 100 16.64 33.42 14.80
N PRO A 101 17.50 34.24 15.41
CA PRO A 101 17.49 35.67 15.06
C PRO A 101 18.00 35.94 13.64
N LEU A 102 18.82 35.06 13.09
CA LEU A 102 19.38 35.28 11.77
C LEU A 102 18.33 35.19 10.67
N LYS A 103 17.15 34.67 10.97
CA LYS A 103 15.94 34.73 10.16
C LYS A 103 16.05 33.92 8.89
N ASN A 104 17.18 33.25 8.66
CA ASN A 104 17.44 32.60 7.39
C ASN A 104 16.64 31.30 7.29
N ALA A 105 16.82 30.58 6.18
CA ALA A 105 16.23 29.25 6.07
C ALA A 105 16.80 28.30 7.10
N LEU A 106 18.02 28.55 7.57
CA LEU A 106 18.50 27.90 8.79
C LEU A 106 17.57 28.15 9.97
N SER A 107 16.98 29.34 10.04
CA SER A 107 16.19 29.71 11.21
C SER A 107 14.83 29.02 11.21
N GLN A 108 14.24 28.84 10.03
CA GLN A 108 12.91 28.23 9.94
C GLN A 108 12.95 26.76 10.34
N VAL A 109 14.10 26.10 10.14
CA VAL A 109 14.27 24.73 10.63
C VAL A 109 14.30 24.68 12.14
N ALA A 110 14.86 25.71 12.78
CA ALA A 110 14.91 25.76 14.24
C ALA A 110 13.55 25.98 14.88
N GLU A 111 12.53 26.34 14.10
CA GLU A 111 11.21 26.63 14.66
C GLU A 111 10.42 25.37 15.01
N GLY A 112 10.93 24.19 14.65
CA GLY A 112 10.35 22.93 15.06
C GLY A 112 10.93 22.31 16.30
N ILE A 113 11.95 22.92 16.91
CA ILE A 113 12.36 22.54 18.25
C ILE A 113 11.22 22.81 19.22
N GLY A 114 10.92 21.82 20.06
CA GLY A 114 9.81 21.94 20.97
C GLY A 114 10.13 22.84 22.15
N ASP A 115 9.07 23.43 22.72
CA ASP A 115 9.16 24.08 24.02
C ASP A 115 9.11 22.99 25.10
N HIS A 116 10.25 22.35 25.31
CA HIS A 116 10.36 21.22 26.23
C HIS A 116 10.59 21.66 27.66
N THR A 117 10.21 22.89 28.00
CA THR A 117 10.31 23.38 29.37
C THR A 117 9.64 22.48 30.40
N PRO A 118 8.40 22.00 30.22
CA PRO A 118 7.77 21.21 31.29
C PRO A 118 8.53 19.94 31.64
N PHE A 119 9.17 19.30 30.66
CA PHE A 119 9.97 18.12 30.95
C PHE A 119 11.21 18.48 31.75
N LEU A 120 11.91 19.55 31.36
CA LEU A 120 13.25 19.79 31.89
C LEU A 120 13.19 20.28 33.32
N GLU A 121 12.22 21.13 33.66
CA GLU A 121 12.06 21.56 35.04
C GLU A 121 11.64 20.42 35.94
N ARG A 122 10.89 19.44 35.41
CA ARG A 122 10.67 18.20 36.14
C ARG A 122 11.97 17.44 36.35
N VAL A 123 12.84 17.42 35.34
CA VAL A 123 14.15 16.81 35.50
C VAL A 123 14.98 17.59 36.51
N ARG A 124 15.01 18.92 36.37
CA ARG A 124 15.99 19.72 37.10
C ARG A 124 15.67 19.76 38.59
N LYS A 125 14.39 19.87 38.94
CA LYS A 125 13.99 19.73 40.34
C LYS A 125 14.31 18.33 40.86
N ALA A 126 14.02 17.30 40.07
CA ALA A 126 14.12 15.93 40.58
C ALA A 126 15.57 15.51 40.73
N LEU A 127 16.33 15.46 39.63
CA LEU A 127 17.54 14.67 39.56
C LEU A 127 18.70 15.53 39.10
N ASP A 128 19.90 15.10 39.48
CA ASP A 128 20.98 15.97 39.91
C ASP A 128 22.02 16.11 38.79
N GLU A 129 23.14 16.74 39.10
CA GLU A 129 24.21 16.89 38.11
C GLU A 129 24.76 15.54 37.67
N GLU A 130 24.66 14.51 38.51
CA GLU A 130 25.34 13.26 38.28
C GLU A 130 24.43 12.15 37.76
N GLY A 131 23.12 12.40 37.69
CA GLY A 131 22.17 11.37 37.31
C GLY A 131 21.65 10.52 38.46
N ALA A 132 22.10 10.77 39.68
CA ALA A 132 21.49 10.16 40.85
C ALA A 132 20.10 10.75 41.10
N VAL A 133 19.37 10.12 42.02
CA VAL A 133 18.12 10.66 42.54
C VAL A 133 18.36 11.28 43.90
N LYS A 134 17.76 12.45 44.13
CA LYS A 134 18.05 13.27 45.29
C LYS A 134 16.86 13.25 46.25
N ASP A 135 17.01 13.98 47.36
CA ASP A 135 15.88 14.21 48.26
C ASP A 135 14.78 15.00 47.57
N GLU A 136 15.13 15.92 46.67
CA GLU A 136 14.23 16.99 46.24
C GLU A 136 13.06 16.47 45.40
N ALA A 137 12.99 15.17 45.14
CA ALA A 137 12.25 14.67 43.98
C ALA A 137 10.74 14.70 44.17
N SER A 138 10.26 14.75 45.41
CA SER A 138 8.86 14.51 45.71
C SER A 138 8.53 14.99 47.12
N PRO A 139 7.25 15.11 47.48
CA PRO A 139 6.88 15.00 48.90
C PRO A 139 7.24 13.66 49.52
N ARG A 140 7.17 12.57 48.75
CA ARG A 140 7.43 11.25 49.31
C ARG A 140 8.92 11.06 49.59
N LEU A 141 9.76 11.25 48.58
CA LEU A 141 11.16 10.85 48.67
C LEU A 141 12.04 11.89 49.35
N ALA A 142 11.52 13.08 49.66
CA ALA A 142 12.19 13.99 50.58
C ALA A 142 12.05 13.53 52.03
N GLN A 143 10.85 13.08 52.42
CA GLN A 143 10.72 12.13 53.51
C GLN A 143 11.10 10.74 53.01
N ILE A 144 10.77 9.70 53.77
CA ILE A 144 11.30 8.35 53.55
C ILE A 144 12.83 8.37 53.66
N ARG A 145 13.47 9.27 52.91
CA ARG A 145 14.93 9.34 52.90
C ARG A 145 15.48 9.80 54.25
N ARG A 146 14.81 10.74 54.90
CA ARG A 146 15.36 11.43 56.07
C ARG A 146 14.39 11.24 57.24
N GLU A 147 14.79 10.42 58.22
CA GLU A 147 14.73 8.96 58.15
C GLU A 147 16.08 8.38 57.70
N LEU A 148 16.18 7.04 57.66
CA LEU A 148 17.45 6.32 57.42
C LEU A 148 18.61 6.83 58.27
N ARG A 149 18.34 7.46 59.41
CA ARG A 149 19.41 8.16 60.12
C ARG A 149 19.94 7.28 61.25
N PRO A 150 21.05 6.59 61.06
CA PRO A 150 21.33 5.38 61.85
C PRO A 150 21.96 5.73 63.19
N LEU A 151 22.25 4.69 63.98
CA LEU A 151 23.18 4.79 65.08
C LEU A 151 24.14 3.62 65.03
N ARG A 152 25.36 3.85 65.52
CA ARG A 152 26.47 2.94 65.29
C ARG A 152 27.58 3.29 66.28
N GLN A 153 28.71 2.59 66.14
CA GLN A 153 30.01 2.85 66.76
C GLN A 153 30.07 2.40 68.22
N GLN A 154 29.01 1.79 68.75
CA GLN A 154 28.95 1.46 70.17
C GLN A 154 29.85 0.27 70.46
N ILE A 155 31.06 0.55 70.90
CA ILE A 155 32.14 -0.43 70.99
C ILE A 155 32.97 -0.11 72.23
N LEU A 156 34.02 -0.90 72.43
CA LEU A 156 35.19 -0.46 73.18
C LEU A 156 36.19 0.21 72.24
N LYS A 217 24.95 -10.42 63.36
CA LYS A 217 25.97 -10.95 64.25
C LYS A 217 26.59 -9.85 65.10
N LEU A 218 25.79 -8.84 65.45
CA LEU A 218 26.13 -7.95 66.56
C LEU A 218 24.91 -7.58 67.41
N ASN A 219 23.83 -8.35 67.32
CA ASN A 219 22.51 -7.95 67.79
C ASN A 219 22.07 -6.62 67.20
N ASN A 220 21.09 -5.95 67.83
CA ASN A 220 20.40 -4.78 67.30
C ASN A 220 19.80 -5.08 65.91
N ARG A 221 18.81 -5.99 65.93
CA ARG A 221 18.20 -6.63 64.74
C ARG A 221 19.33 -7.20 63.88
N LEU A 222 19.38 -6.93 62.57
CA LEU A 222 20.65 -6.56 61.95
C LEU A 222 20.57 -5.32 61.08
N GLN A 223 19.52 -5.21 60.27
CA GLN A 223 19.10 -3.95 59.67
C GLN A 223 17.58 -3.91 59.52
N ALA A 224 16.85 -4.61 60.40
CA ALA A 224 15.49 -5.01 60.11
C ALA A 224 14.51 -3.83 60.11
N LEU A 225 14.96 -2.66 60.53
CA LEU A 225 14.40 -1.40 60.04
C LEU A 225 15.13 -0.88 58.81
N ARG A 226 16.47 -0.83 58.85
CA ARG A 226 17.22 -0.19 57.78
C ARG A 226 17.07 -0.94 56.46
N LEU A 227 17.13 -2.27 56.50
CA LEU A 227 17.06 -3.06 55.28
C LEU A 227 15.69 -3.02 54.63
N LYS A 228 14.66 -2.63 55.37
CA LYS A 228 13.35 -2.37 54.76
C LYS A 228 13.45 -1.25 53.74
N GLU A 229 13.79 -0.04 54.20
CA GLU A 229 13.90 1.19 53.40
C GLU A 229 13.06 1.20 52.14
N GLU A 230 13.66 1.63 51.01
CA GLU A 230 13.39 1.06 49.70
C GLU A 230 11.95 1.37 49.28
N GLU A 231 11.45 0.74 48.20
CA GLU A 231 12.16 0.56 46.94
C GLU A 231 12.89 1.82 46.43
N GLU A 232 12.46 3.00 46.88
CA GLU A 232 11.15 3.52 46.50
C GLU A 232 11.06 3.75 44.99
N VAL A 233 12.20 4.01 44.35
CA VAL A 233 12.51 5.36 43.92
C VAL A 233 11.55 5.81 42.83
N ASN A 234 11.21 4.91 41.91
CA ASN A 234 10.49 5.24 40.70
C ASN A 234 9.23 4.39 40.60
N ARG A 235 8.26 4.86 39.82
CA ARG A 235 7.47 6.05 40.13
C ARG A 235 8.03 7.26 39.40
N ILE A 236 8.86 8.05 40.07
CA ILE A 236 9.11 9.43 39.65
C ILE A 236 9.75 9.47 38.28
N LEU A 237 10.75 8.62 38.05
CA LEU A 237 11.43 8.58 36.75
C LEU A 237 10.80 7.61 35.77
N ARG A 238 9.98 6.66 36.25
CA ARG A 238 8.97 6.06 35.40
C ARG A 238 7.92 7.08 34.97
N ASP A 239 7.52 7.97 35.88
CA ASP A 239 6.68 9.10 35.50
C ASP A 239 7.41 10.04 34.54
N LEU A 240 8.70 10.28 34.79
CA LEU A 240 9.48 11.11 33.88
C LEU A 240 9.76 10.41 32.56
N SER A 241 9.90 9.08 32.57
CA SER A 241 9.92 8.33 31.31
C SER A 241 8.60 8.46 30.57
N GLU A 242 7.48 8.38 31.29
CA GLU A 242 6.18 8.69 30.68
C GLU A 242 6.11 10.14 30.26
N ARG A 243 6.67 11.05 31.07
CA ARG A 243 6.74 12.46 30.67
C ARG A 243 7.63 12.65 29.45
N LEU A 244 8.71 11.88 29.36
CA LEU A 244 9.49 11.84 28.12
C LEU A 244 8.64 11.33 26.96
N ALA A 245 7.90 10.25 27.18
CA ALA A 245 7.08 9.68 26.11
C ALA A 245 5.98 10.64 25.67
N LYS A 246 5.32 11.27 26.64
CA LYS A 246 4.11 12.05 26.36
C LYS A 246 4.41 13.51 26.01
N ASP A 247 5.68 13.91 26.00
CA ASP A 247 6.02 15.27 25.62
C ASP A 247 5.77 15.48 24.13
N GLU A 248 5.08 16.56 23.80
CA GLU A 248 4.30 16.64 22.58
C GLU A 248 5.06 17.29 21.42
N GLY A 249 6.31 17.69 21.64
CA GLY A 249 7.13 18.22 20.57
C GLY A 249 8.31 17.33 20.20
N VAL A 250 8.45 16.20 20.92
CA VAL A 250 9.70 15.44 20.84
C VAL A 250 9.94 14.85 19.45
N PRO A 251 8.98 14.18 18.81
CA PRO A 251 9.22 13.76 17.41
C PRO A 251 9.50 14.92 16.47
N LYS A 252 8.83 16.06 16.65
CA LYS A 252 9.10 17.21 15.80
C LYS A 252 10.48 17.79 16.06
N THR A 253 10.93 17.77 17.32
CA THR A 253 12.28 18.22 17.64
C THR A 253 13.33 17.32 17.01
N LEU A 254 13.12 15.99 17.06
CA LEU A 254 14.09 15.07 16.49
C LEU A 254 14.21 15.26 14.97
N GLU A 255 13.10 15.56 14.30
CA GLU A 255 13.15 15.86 12.88
C GLU A 255 13.99 17.10 12.60
N ALA A 256 13.81 18.14 13.41
CA ALA A 256 14.61 19.36 13.22
C ALA A 256 16.08 19.10 13.48
N LEU A 257 16.41 18.34 14.53
CA LEU A 257 17.81 18.06 14.83
C LEU A 257 18.47 17.26 13.72
N GLY A 258 17.78 16.24 13.21
CA GLY A 258 18.40 15.38 12.21
C GLY A 258 18.67 16.13 10.91
N LEU A 259 17.74 17.00 10.51
CA LEU A 259 17.95 17.79 9.29
C LEU A 259 19.16 18.70 9.43
N LEU A 260 19.32 19.34 10.59
CA LEU A 260 20.47 20.19 10.81
C LEU A 260 21.78 19.39 10.85
N ASP A 261 21.72 18.15 11.32
CA ASP A 261 22.88 17.27 11.19
C ASP A 261 23.17 16.96 9.73
N LEU A 262 22.12 16.67 8.95
CA LEU A 262 22.32 16.42 7.53
C LEU A 262 22.90 17.65 6.83
N VAL A 263 22.38 18.82 7.14
CA VAL A 263 22.90 20.04 6.53
C VAL A 263 24.33 20.29 6.99
N GLN A 264 24.63 20.02 8.25
CA GLN A 264 25.98 20.21 8.76
C GLN A 264 26.98 19.35 7.98
N ALA A 265 26.64 18.07 7.77
CA ALA A 265 27.53 17.19 7.03
C ALA A 265 27.69 17.66 5.59
N GLN A 266 26.59 18.10 4.96
CA GLN A 266 26.66 18.55 3.57
C GLN A 266 27.53 19.79 3.45
N ALA A 267 27.47 20.68 4.45
CA ALA A 267 28.42 21.79 4.51
C ALA A 267 29.85 21.30 4.65
N ALA A 268 30.07 20.30 5.53
CA ALA A 268 31.40 19.73 5.66
C ALA A 268 31.85 19.05 4.38
N LEU A 269 30.94 18.33 3.72
CA LEU A 269 31.24 17.72 2.43
C LEU A 269 31.73 18.75 1.43
N ALA A 270 31.03 19.89 1.35
CA ALA A 270 31.39 20.91 0.37
C ALA A 270 32.81 21.41 0.59
N ARG A 271 33.15 21.78 1.83
CA ARG A 271 34.51 22.20 2.13
C ARG A 271 35.50 21.08 1.83
N ASP A 272 35.20 19.86 2.27
CA ASP A 272 36.19 18.79 2.23
C ASP A 272 36.55 18.42 0.79
N LEU A 273 35.56 18.37 -0.10
CA LEU A 273 35.79 17.94 -1.47
C LEU A 273 35.90 19.10 -2.45
N GLY A 274 35.59 20.33 -2.04
CA GLY A 274 35.79 21.48 -2.89
C GLY A 274 34.59 21.80 -3.76
N LEU A 275 33.41 21.77 -3.15
CA LEU A 275 32.15 21.71 -3.87
C LEU A 275 31.48 23.09 -3.85
N SER A 276 30.68 23.37 -4.89
CA SER A 276 30.13 24.71 -5.06
C SER A 276 28.85 24.63 -5.90
N ARG A 277 27.69 24.64 -5.21
CA ARG A 277 26.63 25.64 -5.34
C ARG A 277 26.20 25.83 -6.79
N PRO A 278 25.47 24.87 -7.36
CA PRO A 278 24.91 25.08 -8.70
C PRO A 278 23.85 26.17 -8.69
N ALA A 279 23.63 26.77 -9.85
CA ALA A 279 22.35 27.37 -10.19
C ALA A 279 21.75 26.69 -11.41
N PHE A 280 20.42 26.63 -11.45
CA PHE A 280 19.70 25.85 -12.45
C PHE A 280 19.19 26.79 -13.55
N GLY A 281 18.93 26.19 -14.72
CA GLY A 281 18.60 26.99 -15.89
C GLY A 281 18.09 26.17 -17.06
N GLU A 282 18.27 26.71 -18.28
CA GLU A 282 17.83 26.05 -19.50
C GLU A 282 19.01 25.64 -20.38
N ARG A 283 20.20 25.53 -19.79
CA ARG A 283 21.39 25.04 -20.48
C ARG A 283 22.52 24.76 -19.49
N TYR A 284 23.39 23.81 -19.81
CA TYR A 284 24.47 23.43 -18.91
C TYR A 284 25.72 24.24 -19.25
N GLU A 285 26.45 24.65 -18.22
CA GLU A 285 27.73 25.32 -18.45
C GLU A 285 28.61 25.03 -17.23
N LEU A 286 29.49 24.05 -17.37
CA LEU A 286 30.30 23.54 -16.26
C LEU A 286 31.69 24.15 -16.34
N TYR A 287 32.16 24.71 -15.23
CA TYR A 287 33.40 25.48 -15.22
C TYR A 287 34.36 24.89 -14.21
N ARG A 288 35.46 24.33 -14.72
CA ARG A 288 36.42 23.54 -13.94
C ARG A 288 35.69 22.55 -13.03
N ALA A 289 34.88 21.71 -13.66
CA ALA A 289 34.29 20.56 -12.99
C ALA A 289 35.32 19.45 -12.82
N PHE A 290 34.97 18.47 -12.01
CA PHE A 290 35.85 17.35 -11.69
C PHE A 290 35.02 16.25 -11.04
N HIS A 291 35.66 15.11 -10.78
CA HIS A 291 34.98 13.97 -10.21
C HIS A 291 35.22 13.91 -8.71
N PRO A 292 34.18 13.94 -7.88
CA PRO A 292 34.40 14.01 -6.42
C PRO A 292 35.10 12.80 -5.85
N LEU A 293 35.16 11.69 -6.58
CA LEU A 293 35.73 10.45 -6.08
C LEU A 293 37.10 10.14 -6.66
N ILE A 294 37.56 10.88 -7.65
CA ILE A 294 38.90 10.72 -8.22
C ILE A 294 39.85 11.62 -7.42
N PRO A 295 40.71 11.08 -6.57
CA PRO A 295 41.63 11.94 -5.81
C PRO A 295 42.61 12.67 -6.72
N ASP A 296 42.88 13.92 -6.37
CA ASP A 296 43.67 14.83 -7.21
C ASP A 296 43.14 14.86 -8.63
N ALA A 297 41.81 15.05 -8.74
CA ALA A 297 41.15 15.04 -10.04
C ALA A 297 41.58 16.24 -10.88
N VAL A 298 41.86 15.99 -12.15
CA VAL A 298 42.08 17.08 -13.11
C VAL A 298 40.75 17.74 -13.43
N ARG A 299 40.80 19.07 -13.62
CA ARG A 299 39.60 19.87 -13.78
C ARG A 299 39.35 20.19 -15.24
N ASN A 300 38.08 20.28 -15.61
CA ASN A 300 37.72 20.42 -17.01
C ASN A 300 36.38 21.12 -17.10
N SER A 301 36.05 21.62 -18.29
CA SER A 301 34.98 22.60 -18.40
C SER A 301 34.46 22.65 -19.83
N PHE A 302 33.14 22.83 -19.97
CA PHE A 302 32.45 22.69 -21.25
C PHE A 302 31.08 23.36 -21.13
N ALA A 303 30.35 23.40 -22.24
CA ALA A 303 28.95 23.81 -22.23
C ALA A 303 28.13 22.85 -23.08
N LEU A 304 26.99 22.41 -22.56
CA LEU A 304 25.88 21.91 -23.36
C LEU A 304 24.79 22.98 -23.36
N ASP A 305 24.58 23.61 -24.52
CA ASP A 305 23.44 24.49 -24.72
C ASP A 305 22.58 23.95 -25.87
N GLU A 306 21.55 24.72 -26.23
CA GLU A 306 20.70 24.33 -27.36
C GLU A 306 21.50 24.30 -28.65
N LYS A 307 22.38 25.28 -28.85
CA LYS A 307 23.23 25.30 -30.03
C LYS A 307 24.06 24.03 -30.15
N ASN A 308 24.95 23.81 -29.18
CA ASN A 308 25.81 22.63 -29.14
C ASN A 308 25.25 21.67 -28.11
N ARG A 309 24.58 20.61 -28.56
CA ARG A 309 23.82 19.77 -27.63
C ARG A 309 24.64 18.59 -27.12
N ILE A 310 25.44 17.98 -27.99
CA ILE A 310 26.07 16.70 -27.72
C ILE A 310 27.57 16.85 -27.92
N LEU A 311 28.35 16.34 -26.97
CA LEU A 311 29.82 16.38 -27.04
C LEU A 311 30.35 14.98 -27.33
N LEU A 312 30.81 14.77 -28.56
CA LEU A 312 31.27 13.46 -29.03
C LEU A 312 32.73 13.32 -28.65
N ILE A 313 32.97 12.82 -27.44
CA ILE A 313 34.32 12.80 -26.87
C ILE A 313 35.05 11.61 -27.48
N SER A 314 35.79 11.86 -28.56
CA SER A 314 36.76 10.91 -29.07
C SER A 314 37.91 10.75 -28.09
N GLY A 315 38.84 9.84 -28.43
CA GLY A 315 40.05 9.70 -27.67
C GLY A 315 40.23 8.31 -27.10
N PRO A 316 41.43 8.04 -26.58
CA PRO A 316 41.85 6.65 -26.37
C PRO A 316 41.44 6.15 -25.00
N ASN A 317 41.87 4.94 -24.65
CA ASN A 317 41.56 4.35 -23.37
C ASN A 317 42.52 4.85 -22.30
N MET A 318 41.96 5.19 -21.13
CA MET A 318 42.62 5.42 -19.85
C MET A 318 43.24 6.81 -19.74
N GLY A 319 43.14 7.66 -20.76
CA GLY A 319 41.89 8.29 -21.15
C GLY A 319 41.42 9.42 -20.28
N GLY A 320 40.29 9.22 -19.60
CA GLY A 320 39.40 10.31 -19.25
C GLY A 320 37.94 10.06 -19.57
N LYS A 321 37.66 9.39 -20.70
CA LYS A 321 36.39 9.61 -21.39
C LYS A 321 35.22 8.95 -20.67
N THR A 322 35.44 7.74 -20.13
CA THR A 322 34.39 7.07 -19.37
C THR A 322 34.06 7.80 -18.07
N ALA A 323 34.93 8.70 -17.61
CA ALA A 323 34.77 9.33 -16.30
C ALA A 323 34.67 10.85 -16.40
N LEU A 324 34.55 11.41 -17.60
CA LEU A 324 33.78 12.64 -17.75
C LEU A 324 32.28 12.39 -17.65
N LEU A 325 31.81 11.28 -18.22
CA LEU A 325 30.38 10.96 -18.17
C LEU A 325 29.87 10.93 -16.72
N LYS A 326 30.60 10.25 -15.84
CA LYS A 326 30.25 10.28 -14.43
C LYS A 326 30.42 11.67 -13.85
N THR A 327 31.44 12.42 -14.31
CA THR A 327 31.69 13.74 -13.76
C THR A 327 30.50 14.68 -13.98
N LEU A 328 29.97 14.69 -15.20
CA LEU A 328 28.77 15.47 -15.48
C LEU A 328 27.56 14.93 -14.73
N GLY A 329 27.21 13.67 -14.96
CA GLY A 329 25.94 13.15 -14.48
C GLY A 329 25.88 13.08 -12.97
N LEU A 330 26.99 12.75 -12.32
CA LEU A 330 27.01 12.74 -10.86
C LEU A 330 26.90 14.15 -10.29
N ALA A 331 27.44 15.16 -10.99
CA ALA A 331 27.15 16.54 -10.62
C ALA A 331 25.67 16.85 -10.76
N VAL A 332 25.04 16.38 -11.83
CA VAL A 332 23.60 16.60 -12.01
C VAL A 332 22.81 15.90 -10.92
N LEU A 333 23.13 14.62 -10.65
CA LEU A 333 22.47 13.91 -9.56
C LEU A 333 22.77 14.59 -8.23
N MET A 334 24.03 14.95 -8.00
CA MET A 334 24.42 15.60 -6.75
C MET A 334 23.74 16.96 -6.59
N ALA A 335 23.37 17.61 -7.70
CA ALA A 335 22.64 18.87 -7.62
C ALA A 335 21.18 18.64 -7.29
N GLN A 336 20.50 17.82 -8.10
CA GLN A 336 19.08 17.53 -7.90
C GLN A 336 18.79 16.97 -6.53
N SER A 337 19.82 16.50 -5.81
CA SER A 337 19.67 15.91 -4.49
C SER A 337 19.87 16.93 -3.38
N GLY A 338 19.87 18.23 -3.70
CA GLY A 338 20.10 19.26 -2.71
C GLY A 338 21.49 19.18 -2.11
N LEU A 339 22.49 19.03 -2.96
CA LEU A 339 23.89 18.94 -2.56
C LEU A 339 24.73 19.86 -3.43
N PHE A 340 26.02 19.88 -3.13
CA PHE A 340 26.96 20.83 -3.70
C PHE A 340 27.77 20.15 -4.79
N VAL A 341 27.83 20.78 -5.95
CA VAL A 341 28.31 20.10 -7.14
C VAL A 341 29.81 20.31 -7.30
N ALA A 342 30.42 19.48 -8.14
CA ALA A 342 31.86 19.34 -8.19
C ALA A 342 32.43 20.21 -9.31
N ALA A 343 32.45 21.51 -9.06
CA ALA A 343 32.84 22.49 -10.06
C ALA A 343 33.10 23.82 -9.35
N GLU A 344 33.90 24.66 -10.01
CA GLU A 344 34.11 26.02 -9.51
C GLU A 344 32.84 26.86 -9.63
N LYS A 345 32.37 27.07 -10.85
CA LYS A 345 31.00 27.47 -11.11
C LYS A 345 30.33 26.43 -11.99
N ALA A 346 29.08 26.10 -11.66
CA ALA A 346 28.30 25.15 -12.44
C ALA A 346 26.91 25.74 -12.68
N LEU A 347 26.47 25.70 -13.93
CA LEU A 347 25.10 26.01 -14.32
C LEU A 347 24.48 24.80 -15.00
N LEU A 348 23.30 24.38 -14.54
CA LEU A 348 22.71 23.11 -14.93
C LEU A 348 21.28 23.33 -15.39
N ALA A 349 20.76 22.37 -16.16
CA ALA A 349 19.34 22.22 -16.37
C ALA A 349 18.76 21.21 -15.39
N TRP A 350 17.43 21.03 -15.44
CA TRP A 350 16.72 20.08 -14.59
C TRP A 350 16.08 19.02 -15.47
N PRO A 351 16.84 18.01 -15.90
CA PRO A 351 16.32 17.06 -16.89
C PRO A 351 15.22 16.19 -16.30
N ASP A 352 14.23 15.86 -17.14
CA ASP A 352 13.18 14.96 -16.71
C ASP A 352 13.72 13.58 -16.38
N ARG A 353 14.63 13.07 -17.21
CA ARG A 353 15.36 11.85 -16.91
C ARG A 353 16.83 12.07 -17.23
N VAL A 354 17.69 11.41 -16.46
CA VAL A 354 19.08 11.21 -16.85
C VAL A 354 19.24 9.75 -17.25
N TYR A 355 19.61 9.52 -18.52
CA TYR A 355 19.93 8.20 -19.03
C TYR A 355 21.43 8.03 -19.05
N ALA A 356 21.92 7.00 -18.35
CA ALA A 356 23.31 6.58 -18.44
C ALA A 356 23.39 5.26 -19.19
N ASP A 357 24.27 5.21 -20.19
CA ASP A 357 24.69 3.95 -20.82
C ASP A 357 26.15 3.73 -20.44
N ILE A 358 26.36 3.11 -19.28
CA ILE A 358 27.69 2.87 -18.73
C ILE A 358 27.72 1.45 -18.17
N GLY A 359 28.83 0.74 -18.40
CA GLY A 359 28.86 -0.70 -18.24
C GLY A 359 29.16 -1.16 -16.83
N ASP A 360 30.15 -2.03 -16.68
CA ASP A 360 30.13 -3.03 -15.62
C ASP A 360 31.54 -3.55 -15.33
N LEU A 364 36.64 -5.40 -18.68
CA LEU A 364 36.67 -4.05 -19.26
C LEU A 364 36.60 -4.11 -20.79
N GLN A 365 37.13 -5.18 -21.37
CA GLN A 365 37.20 -5.28 -22.82
C GLN A 365 35.83 -5.58 -23.43
N GLU A 366 35.63 -5.13 -24.67
CA GLU A 366 34.32 -4.74 -25.16
C GLU A 366 33.86 -5.75 -26.21
N ASN A 367 32.67 -6.31 -25.99
CA ASN A 367 32.27 -7.60 -26.55
C ASN A 367 31.10 -7.40 -27.51
N LEU A 368 30.61 -8.52 -28.05
CA LEU A 368 29.24 -8.53 -28.56
C LEU A 368 28.22 -8.39 -27.43
N SER A 369 28.54 -8.90 -26.24
CA SER A 369 27.56 -8.94 -25.17
C SER A 369 27.45 -7.61 -24.43
N THR A 370 28.58 -6.92 -24.25
CA THR A 370 28.52 -5.54 -23.77
C THR A 370 27.80 -4.65 -24.76
N PHE A 371 28.07 -4.82 -26.06
CA PHE A 371 27.41 -4.03 -27.08
C PHE A 371 25.91 -4.30 -27.11
N ALA A 372 25.50 -5.56 -26.98
CA ALA A 372 24.09 -5.87 -26.87
C ALA A 372 23.50 -5.41 -25.56
N GLY A 373 24.33 -5.34 -24.51
CA GLY A 373 23.93 -4.57 -23.33
C GLY A 373 23.78 -3.10 -23.62
N HIS A 374 24.75 -2.52 -24.34
CA HIS A 374 24.68 -1.10 -24.67
C HIS A 374 23.48 -0.78 -25.56
N LEU A 375 23.20 -1.65 -26.52
CA LEU A 375 22.06 -1.41 -27.40
C LEU A 375 20.73 -1.46 -26.67
N ARG A 376 20.70 -2.14 -25.52
CA ARG A 376 19.47 -2.25 -24.74
C ARG A 376 19.15 -0.98 -23.96
N ARG A 377 20.15 -0.10 -23.75
CA ARG A 377 19.93 1.17 -23.08
C ARG A 377 19.72 2.33 -24.04
N LEU A 378 20.23 2.23 -25.26
CA LEU A 378 19.91 3.19 -26.30
C LEU A 378 18.50 2.96 -26.85
N ARG A 379 17.98 1.73 -26.74
CA ARG A 379 16.57 1.51 -26.99
C ARG A 379 15.71 2.36 -26.07
N GLU A 380 16.08 2.43 -24.80
CA GLU A 380 15.32 3.24 -23.85
C GLU A 380 15.33 4.71 -24.25
N MET A 381 16.51 5.25 -24.54
CA MET A 381 16.62 6.68 -24.84
C MET A 381 15.86 7.03 -26.11
N LEU A 382 15.98 6.19 -27.15
CA LEU A 382 15.25 6.45 -28.38
C LEU A 382 13.75 6.36 -28.17
N GLU A 383 13.30 5.53 -27.23
CA GLU A 383 11.87 5.41 -26.97
C GLU A 383 11.35 6.53 -26.07
N GLU A 384 12.14 6.95 -25.09
CA GLU A 384 11.60 7.56 -23.88
C GLU A 384 12.36 8.83 -23.47
N ALA A 385 13.03 9.50 -24.41
CA ALA A 385 13.71 10.74 -24.12
C ALA A 385 13.04 11.88 -24.88
N THR A 386 12.77 12.98 -24.18
CA THR A 386 12.29 14.20 -24.80
C THR A 386 13.42 15.22 -24.90
N SER A 387 13.08 16.41 -25.39
CA SER A 387 14.07 17.46 -25.56
C SER A 387 14.58 18.02 -24.24
N HIS A 388 14.02 17.57 -23.11
CA HIS A 388 14.51 17.93 -21.80
C HIS A 388 15.34 16.82 -21.16
N SER A 389 15.81 15.87 -21.95
CA SER A 389 16.54 14.72 -21.45
C SER A 389 18.04 15.03 -21.39
N LEU A 390 18.73 14.28 -20.53
CA LEU A 390 20.19 14.34 -20.45
C LEU A 390 20.75 12.93 -20.60
N VAL A 391 21.56 12.72 -21.64
CA VAL A 391 21.99 11.39 -22.06
C VAL A 391 23.49 11.26 -21.87
N LEU A 392 23.92 10.12 -21.33
CA LEU A 392 25.34 9.80 -21.16
C LEU A 392 25.59 8.44 -21.82
N ILE A 393 26.18 8.46 -23.01
CA ILE A 393 26.31 7.29 -23.86
C ILE A 393 27.79 6.97 -23.97
N ASP A 394 28.15 5.75 -23.60
CA ASP A 394 29.55 5.34 -23.52
C ASP A 394 29.87 4.30 -24.59
N GLU A 395 31.07 4.43 -25.17
CA GLU A 395 31.65 3.42 -26.05
C GLU A 395 30.69 3.09 -27.20
N LEU A 396 30.10 4.12 -27.77
CA LEU A 396 29.12 3.94 -28.84
C LEU A 396 29.73 3.19 -30.02
N GLY A 397 29.05 2.12 -30.43
CA GLY A 397 29.54 1.29 -31.50
C GLY A 397 30.81 0.52 -31.22
N SER A 398 31.45 0.74 -30.07
CA SER A 398 32.45 -0.22 -29.60
C SER A 398 31.79 -1.56 -29.32
N GLY A 399 32.42 -2.63 -29.82
CA GLY A 399 31.97 -3.97 -29.52
C GLY A 399 31.91 -4.85 -30.75
N THR A 400 31.66 -4.25 -31.92
CA THR A 400 31.36 -5.00 -33.12
C THR A 400 32.17 -4.48 -34.31
N ASP A 401 31.80 -4.92 -35.50
CA ASP A 401 32.41 -4.39 -36.71
C ASP A 401 32.19 -2.88 -36.80
N PRO A 402 33.17 -2.13 -37.28
CA PRO A 402 32.91 -0.72 -37.62
C PRO A 402 31.85 -0.54 -38.68
N GLU A 403 31.66 -1.55 -39.55
CA GLU A 403 31.01 -1.32 -40.82
C GLU A 403 29.53 -0.99 -40.63
N GLU A 404 28.77 -1.93 -40.06
CA GLU A 404 27.46 -1.61 -39.52
C GLU A 404 27.52 -0.88 -38.19
N GLY A 405 28.65 -0.96 -37.49
CA GLY A 405 28.74 -0.34 -36.17
C GLY A 405 28.61 1.17 -36.23
N ALA A 406 29.16 1.78 -37.27
CA ALA A 406 29.01 3.23 -37.45
C ALA A 406 27.62 3.57 -37.99
N ALA A 407 27.22 2.92 -39.09
CA ALA A 407 26.00 3.30 -39.78
C ALA A 407 24.76 3.15 -38.90
N LEU A 408 24.82 2.27 -37.90
CA LEU A 408 23.82 2.27 -36.84
C LEU A 408 24.07 3.38 -35.81
N SER A 409 25.32 3.55 -35.38
CA SER A 409 25.60 4.51 -34.31
C SER A 409 25.36 5.94 -34.78
N GLN A 410 25.66 6.24 -36.05
CA GLN A 410 25.23 7.51 -36.64
C GLN A 410 23.73 7.71 -36.47
N ALA A 411 22.94 6.72 -36.91
CA ALA A 411 21.50 6.88 -36.96
C ALA A 411 20.92 7.09 -35.56
N ILE A 412 21.57 6.54 -34.54
CA ILE A 412 21.20 6.83 -33.16
C ILE A 412 21.52 8.28 -32.81
N LEU A 413 22.65 8.80 -33.31
CA LEU A 413 23.00 10.19 -33.07
C LEU A 413 22.04 11.13 -33.77
N GLU A 414 21.76 10.87 -35.06
CA GLU A 414 20.81 11.70 -35.80
C GLU A 414 19.44 11.71 -35.12
N ALA A 415 18.93 10.54 -34.76
CA ALA A 415 17.66 10.45 -34.05
C ALA A 415 17.68 11.25 -32.76
N LEU A 416 18.83 11.29 -32.09
CA LEU A 416 18.96 12.04 -30.84
C LEU A 416 19.29 13.50 -31.05
N LEU A 417 19.98 13.84 -32.14
CA LEU A 417 20.13 15.24 -32.50
C LEU A 417 18.85 15.83 -33.07
N GLU A 418 18.06 15.01 -33.78
CA GLU A 418 16.69 15.40 -34.09
C GLU A 418 15.88 15.60 -32.81
N ARG A 419 16.01 14.69 -31.86
CA ARG A 419 15.20 14.76 -30.65
C ARG A 419 15.60 15.91 -29.73
N GLY A 420 16.79 16.48 -29.95
CA GLY A 420 17.18 17.64 -29.18
C GLY A 420 17.45 17.36 -27.73
N VAL A 421 17.77 16.12 -27.38
CA VAL A 421 18.38 15.86 -26.08
C VAL A 421 19.75 16.52 -26.02
N LYS A 422 20.25 16.65 -24.80
CA LYS A 422 21.56 17.25 -24.53
C LYS A 422 22.37 16.24 -23.73
N GLY A 423 23.59 15.99 -24.17
CA GLY A 423 24.34 14.92 -23.56
C GLY A 423 25.77 14.89 -24.02
N MET A 424 26.41 13.74 -23.79
CA MET A 424 27.85 13.64 -23.93
C MET A 424 28.18 12.18 -24.23
N VAL A 425 28.94 11.95 -25.28
CA VAL A 425 29.10 10.63 -25.86
C VAL A 425 30.59 10.32 -25.98
N THR A 426 30.93 9.05 -25.79
CA THR A 426 32.29 8.56 -25.98
C THR A 426 32.26 7.42 -26.98
N THR A 427 33.10 7.51 -28.01
CA THR A 427 33.15 6.47 -29.03
C THR A 427 34.59 6.29 -29.49
N HIS A 428 34.82 5.23 -30.27
CA HIS A 428 36.08 5.02 -30.93
C HIS A 428 35.96 4.97 -32.45
N LEU A 429 34.76 5.16 -32.99
CA LEU A 429 34.52 5.05 -34.43
C LEU A 429 35.06 6.28 -35.14
N SER A 430 36.01 6.09 -36.05
CA SER A 430 36.49 7.20 -36.87
C SER A 430 35.39 7.85 -37.70
N PRO A 431 34.49 7.12 -38.38
CA PRO A 431 33.46 7.82 -39.16
C PRO A 431 32.57 8.72 -38.31
N LEU A 432 32.43 8.41 -37.03
CA LEU A 432 31.50 9.17 -36.19
C LEU A 432 32.00 10.59 -35.96
N LYS A 433 33.31 10.80 -35.91
CA LYS A 433 33.84 12.13 -35.70
C LYS A 433 34.03 12.91 -37.00
N ALA A 434 33.94 12.26 -38.15
CA ALA A 434 33.74 12.97 -39.41
C ALA A 434 32.27 13.23 -39.72
N PHE A 435 31.36 12.51 -39.08
CA PHE A 435 29.96 12.95 -39.04
C PHE A 435 29.80 14.16 -38.12
N ALA A 436 30.49 14.16 -36.97
CA ALA A 436 30.25 15.19 -35.97
C ALA A 436 30.74 16.56 -36.43
N GLN A 437 31.74 16.59 -37.30
CA GLN A 437 32.09 17.81 -38.04
C GLN A 437 31.12 17.96 -39.21
N GLY A 438 30.17 18.88 -39.05
CA GLY A 438 29.12 19.11 -40.02
C GLY A 438 27.81 18.48 -39.61
N ARG A 439 26.97 19.24 -38.92
CA ARG A 439 25.73 18.78 -38.31
C ARG A 439 25.09 20.00 -37.64
N GLU A 440 23.85 19.83 -37.20
CA GLU A 440 23.35 20.59 -36.07
C GLU A 440 24.04 20.08 -34.80
N GLY A 441 23.62 20.55 -33.64
CA GLY A 441 24.53 20.70 -32.54
C GLY A 441 25.10 19.39 -32.05
N ILE A 442 26.35 19.13 -32.44
CA ILE A 442 27.18 18.09 -31.85
C ILE A 442 28.62 18.44 -32.15
N GLN A 443 29.50 18.25 -31.17
CA GLN A 443 30.86 18.74 -31.29
C GLN A 443 31.84 17.65 -30.91
N ASN A 444 33.03 17.72 -31.50
CA ASN A 444 34.11 16.81 -31.18
C ASN A 444 34.92 17.34 -30.00
N ALA A 445 35.17 16.47 -29.03
CA ALA A 445 36.18 16.70 -28.02
C ALA A 445 37.14 15.52 -27.97
N SER A 446 38.24 15.70 -27.25
CA SER A 446 39.01 14.58 -26.74
C SER A 446 39.66 14.97 -25.42
N MET A 447 39.81 13.98 -24.54
CA MET A 447 41.01 13.89 -23.73
C MET A 447 42.25 13.80 -24.60
N ARG A 448 43.28 14.53 -24.21
CA ARG A 448 44.55 14.52 -24.93
C ARG A 448 45.50 13.50 -24.29
N PHE A 449 46.68 13.35 -24.89
CA PHE A 449 47.74 12.49 -24.37
C PHE A 449 49.10 13.19 -24.46
N ASP A 450 50.01 12.72 -23.60
CA ASP A 450 51.22 13.43 -23.25
C ASP A 450 52.33 13.10 -24.24
N ALA A 453 54.98 11.70 -23.11
CA ALA A 453 55.71 10.64 -22.43
C ALA A 453 54.93 9.32 -22.41
N LEU A 454 53.99 9.15 -23.33
CA LEU A 454 52.95 8.13 -23.22
C LEU A 454 52.28 8.18 -21.84
N ARG A 455 51.75 9.36 -21.51
CA ARG A 455 50.85 9.50 -20.39
C ARG A 455 49.55 10.16 -20.84
N PRO A 456 48.45 9.86 -20.18
CA PRO A 456 47.23 10.68 -20.32
C PRO A 456 47.11 11.77 -19.27
N THR A 457 46.38 12.86 -19.59
CA THR A 457 46.75 14.21 -19.14
C THR A 457 46.03 14.72 -17.89
N TYR A 458 44.79 14.30 -17.57
CA TYR A 458 43.67 13.96 -18.44
C TYR A 458 42.71 15.14 -18.70
N GLU A 459 43.01 16.01 -19.65
CA GLU A 459 42.29 17.28 -19.79
C GLU A 459 41.59 17.33 -21.15
N LEU A 460 40.34 17.77 -21.14
CA LEU A 460 39.53 17.83 -22.36
C LEU A 460 40.13 18.82 -23.35
N VAL A 461 39.87 18.58 -24.63
CA VAL A 461 40.15 19.55 -25.68
C VAL A 461 38.93 19.57 -26.60
N LEU A 462 38.18 20.66 -26.57
CA LEU A 462 36.97 20.77 -27.39
C LEU A 462 37.34 21.21 -28.80
N GLY A 463 36.89 20.44 -29.79
CA GLY A 463 37.14 20.76 -31.19
C GLY A 463 37.80 19.66 -32.00
N VAL A 464 38.16 18.52 -31.42
CA VAL A 464 39.46 17.88 -31.63
C VAL A 464 39.33 16.39 -31.36
N PRO A 465 39.22 15.53 -32.39
CA PRO A 465 39.10 14.07 -32.16
C PRO A 465 40.35 13.31 -31.67
N SER A 468 44.48 11.27 -33.11
CA SER A 468 45.78 11.29 -33.80
C SER A 468 46.57 9.99 -33.57
N TYR A 469 47.88 10.02 -33.84
CA TYR A 469 48.93 9.49 -32.95
C TYR A 469 49.01 7.96 -32.97
N ALA A 470 48.81 7.35 -34.14
CA ALA A 470 48.98 5.91 -34.26
C ALA A 470 50.44 5.50 -34.49
N LEU A 471 51.13 6.17 -35.40
CA LEU A 471 52.57 6.08 -35.46
C LEU A 471 53.20 6.80 -34.27
N ALA A 472 54.52 6.69 -34.17
CA ALA A 472 55.35 7.66 -33.44
C ALA A 472 55.14 7.51 -31.93
N ILE A 473 54.20 6.66 -31.53
CA ILE A 473 54.54 5.54 -30.66
C ILE A 473 55.59 4.66 -31.32
N ALA A 474 55.40 4.35 -32.60
CA ALA A 474 56.30 3.43 -33.30
C ALA A 474 57.71 4.01 -33.40
N ARG A 475 57.80 5.28 -33.81
CA ARG A 475 59.12 5.90 -34.00
C ARG A 475 59.80 6.17 -32.67
N ARG A 476 59.03 6.51 -31.62
CA ARG A 476 59.58 6.61 -30.28
C ARG A 476 60.04 5.27 -29.75
N LEU A 477 59.49 4.16 -30.26
CA LEU A 477 60.08 2.84 -30.08
C LEU A 477 61.16 2.51 -31.10
N ALA A 478 61.28 3.30 -32.17
CA ALA A 478 62.27 3.09 -33.22
C ALA A 478 62.21 1.66 -33.75
N LEU A 479 61.06 1.33 -34.36
CA LEU A 479 60.95 0.24 -35.33
C LEU A 479 61.79 0.55 -36.56
N PRO A 480 62.03 -0.43 -37.44
CA PRO A 480 62.59 -0.11 -38.76
C PRO A 480 61.61 0.67 -39.63
N GLU A 481 62.01 0.94 -40.87
CA GLU A 481 61.27 1.84 -41.76
C GLU A 481 61.27 1.23 -43.16
N GLU A 482 60.29 0.38 -43.50
CA GLU A 482 58.97 0.15 -42.85
C GLU A 482 58.13 1.41 -42.62
N VAL A 483 58.46 2.52 -43.30
CA VAL A 483 57.48 3.58 -43.49
C VAL A 483 57.48 4.06 -44.94
N LEU A 484 56.56 3.56 -45.78
CA LEU A 484 55.16 3.16 -45.45
C LEU A 484 54.47 4.05 -44.41
N LYS A 485 54.71 5.35 -44.54
CA LYS A 485 53.77 6.39 -44.15
C LYS A 485 52.77 6.70 -45.25
N ARG A 486 52.52 5.77 -46.17
CA ARG A 486 51.51 5.96 -47.21
C ARG A 486 50.15 5.54 -46.64
N ALA A 487 49.56 6.44 -45.85
CA ALA A 487 48.18 6.35 -45.42
C ALA A 487 47.38 7.39 -46.20
N GLU A 488 46.89 6.98 -47.37
CA GLU A 488 46.23 7.92 -48.28
C GLU A 488 44.77 8.15 -47.89
N MET B 1 -2.70 -17.63 7.34
CA MET B 1 -3.05 -17.18 6.00
C MET B 1 -4.55 -17.33 5.72
N ARG B 2 -4.86 -17.88 4.56
CA ARG B 2 -6.03 -18.72 4.38
C ARG B 2 -5.76 -20.09 4.99
N ASP B 3 -6.60 -21.07 4.65
CA ASP B 3 -6.56 -22.44 5.19
C ASP B 3 -7.06 -22.49 6.63
N VAL B 4 -7.33 -21.33 7.23
CA VAL B 4 -8.17 -21.24 8.41
C VAL B 4 -9.58 -20.79 8.05
N LEU B 5 -9.69 -19.77 7.20
CA LEU B 5 -10.99 -19.43 6.63
C LEU B 5 -11.53 -20.56 5.78
N GLU B 6 -10.65 -21.23 5.01
CA GLU B 6 -11.08 -22.39 4.23
C GLU B 6 -11.60 -23.50 5.13
N VAL B 7 -10.83 -23.85 6.17
CA VAL B 7 -11.18 -24.99 7.01
C VAL B 7 -12.51 -24.74 7.72
N LEU B 8 -12.70 -23.53 8.25
CA LEU B 8 -13.87 -23.19 9.02
C LEU B 8 -15.10 -22.91 8.16
N GLU B 9 -14.99 -23.11 6.84
CA GLU B 9 -16.08 -22.84 5.90
C GLU B 9 -16.51 -21.38 5.94
N PHE B 10 -15.56 -20.48 6.20
CA PHE B 10 -15.87 -19.05 6.16
C PHE B 10 -16.43 -18.58 4.83
N PRO B 11 -15.92 -19.01 3.66
CA PRO B 11 -16.51 -18.54 2.41
C PRO B 11 -18.00 -18.82 2.28
N ARG B 12 -18.50 -19.90 2.90
CA ARG B 12 -19.95 -20.11 2.94
C ARG B 12 -20.65 -18.99 3.70
N VAL B 13 -20.04 -18.52 4.79
CA VAL B 13 -20.56 -17.34 5.48
C VAL B 13 -20.50 -16.11 4.58
N ARG B 14 -19.43 -15.98 3.79
CA ARG B 14 -19.41 -14.95 2.75
C ARG B 14 -20.53 -15.16 1.75
N ALA B 15 -20.78 -16.41 1.36
CA ALA B 15 -21.80 -16.68 0.35
C ALA B 15 -23.18 -16.27 0.84
N LEU B 16 -23.50 -16.58 2.10
CA LEU B 16 -24.76 -16.12 2.68
C LEU B 16 -24.80 -14.60 2.77
N LEU B 17 -23.69 -13.98 3.13
CA LEU B 17 -23.66 -12.52 3.29
C LEU B 17 -23.93 -11.82 1.96
N ALA B 18 -23.31 -12.31 0.87
CA ALA B 18 -23.47 -11.65 -0.42
C ALA B 18 -24.83 -11.91 -1.04
N GLU B 19 -25.50 -13.00 -0.65
CA GLU B 19 -26.89 -13.19 -1.06
C GLU B 19 -27.78 -12.06 -0.56
N ARG B 20 -27.37 -11.35 0.49
CA ARG B 20 -28.15 -10.28 1.09
C ARG B 20 -27.60 -8.90 0.78
N ALA B 21 -26.67 -8.79 -0.17
CA ALA B 21 -26.35 -7.50 -0.78
C ALA B 21 -27.35 -7.15 -1.88
N LYS B 22 -27.65 -5.86 -2.00
CA LYS B 22 -28.60 -5.37 -2.97
C LYS B 22 -27.94 -4.73 -4.19
N THR B 23 -26.64 -4.48 -4.14
CA THR B 23 -25.83 -4.13 -5.29
C THR B 23 -24.67 -5.11 -5.42
N PRO B 24 -24.10 -5.26 -6.61
CA PRO B 24 -22.80 -5.94 -6.71
C PRO B 24 -21.71 -5.28 -5.90
N LEU B 25 -21.81 -3.96 -5.65
CA LEU B 25 -20.82 -3.29 -4.80
C LEU B 25 -20.78 -3.90 -3.41
N GLY B 26 -21.94 -4.09 -2.79
CA GLY B 26 -21.99 -4.84 -1.55
C GLY B 26 -21.62 -6.30 -1.73
N ARG B 27 -22.06 -6.90 -2.83
CA ARG B 27 -21.80 -8.32 -3.08
C ARG B 27 -20.30 -8.60 -3.13
N GLU B 28 -19.56 -7.73 -3.84
CA GLU B 28 -18.11 -7.92 -3.94
C GLU B 28 -17.45 -7.80 -2.57
N LEU B 29 -17.86 -6.82 -1.77
CA LEU B 29 -17.24 -6.62 -0.47
C LEU B 29 -17.47 -7.80 0.45
N ALA B 30 -18.67 -8.39 0.40
CA ALA B 30 -18.97 -9.57 1.21
C ALA B 30 -18.10 -10.75 0.80
N LEU B 31 -17.88 -10.92 -0.51
CA LEU B 31 -17.05 -12.02 -1.01
C LEU B 31 -15.56 -11.84 -0.72
N ALA B 32 -15.14 -10.68 -0.25
CA ALA B 32 -13.74 -10.46 0.15
C ALA B 32 -13.61 -10.03 1.60
N LEU B 33 -14.64 -10.29 2.42
CA LEU B 33 -14.55 -10.05 3.84
C LEU B 33 -13.54 -10.98 4.49
N ALA B 34 -12.90 -10.49 5.54
CA ALA B 34 -11.74 -11.12 6.14
C ALA B 34 -11.41 -10.38 7.43
N PRO B 35 -10.72 -11.03 8.38
CA PRO B 35 -10.51 -10.39 9.69
C PRO B 35 -9.86 -9.02 9.55
N LEU B 36 -10.37 -8.07 10.32
CA LEU B 36 -10.06 -6.66 10.20
C LEU B 36 -9.23 -6.21 11.39
N PRO B 37 -8.61 -5.03 11.32
CA PRO B 37 -8.13 -4.38 12.54
C PRO B 37 -9.26 -4.11 13.52
N ARG B 38 -8.91 -4.17 14.80
CA ARG B 38 -9.93 -4.30 15.85
C ARG B 38 -10.85 -3.09 15.87
N GLU B 39 -10.29 -1.90 15.67
CA GLU B 39 -11.12 -0.69 15.61
C GLU B 39 -12.10 -0.76 14.45
N GLU B 40 -11.65 -1.22 13.28
CA GLU B 40 -12.56 -1.38 12.14
C GLU B 40 -13.66 -2.38 12.46
N ALA B 41 -13.31 -3.52 13.06
CA ALA B 41 -14.29 -4.57 13.28
C ALA B 41 -15.39 -4.12 14.22
N GLU B 42 -15.02 -3.44 15.31
CA GLU B 42 -16.03 -2.88 16.21
C GLU B 42 -16.85 -1.81 15.50
N LYS B 43 -16.21 -0.98 14.66
CA LYS B 43 -16.95 0.02 13.91
C LYS B 43 -17.92 -0.64 12.93
N ARG B 44 -17.51 -1.75 12.32
CA ARG B 44 -18.44 -2.54 11.53
C ARG B 44 -19.56 -3.11 12.40
N HIS B 45 -19.24 -3.54 13.62
CA HIS B 45 -20.27 -4.03 14.53
C HIS B 45 -21.28 -2.93 14.85
N GLU B 46 -20.78 -1.74 15.21
CA GLU B 46 -21.67 -0.64 15.56
C GLU B 46 -22.52 -0.22 14.37
N LEU B 47 -21.92 -0.17 13.18
CA LEU B 47 -22.67 0.12 11.98
C LEU B 47 -23.76 -0.94 11.74
N THR B 48 -23.42 -2.21 11.95
CA THR B 48 -24.39 -3.28 11.74
C THR B 48 -25.58 -3.15 12.68
N GLY B 49 -25.32 -2.84 13.95
CA GLY B 49 -26.41 -2.69 14.90
C GLY B 49 -27.35 -1.56 14.55
N GLU B 50 -26.81 -0.43 14.08
CA GLU B 50 -27.65 0.73 13.81
C GLU B 50 -28.44 0.55 12.52
N ALA B 51 -27.92 -0.22 11.57
CA ALA B 51 -28.70 -0.59 10.39
C ALA B 51 -29.76 -1.63 10.69
N LEU B 52 -29.64 -2.36 11.80
CA LEU B 52 -30.81 -3.02 12.38
C LEU B 52 -31.82 -2.00 12.89
N SER B 53 -31.35 -0.92 13.53
CA SER B 53 -32.27 0.01 14.20
C SER B 53 -33.09 0.78 13.18
N TYR B 54 -32.44 1.34 12.15
CA TYR B 54 -33.13 2.07 11.09
C TYR B 54 -32.80 1.46 9.74
N PRO B 55 -33.68 0.64 9.18
CA PRO B 55 -33.46 0.13 7.82
C PRO B 55 -33.50 1.23 6.78
N TYR B 56 -32.76 1.02 5.69
CA TYR B 56 -32.71 1.95 4.58
C TYR B 56 -32.64 1.18 3.27
N ALA B 57 -33.07 1.84 2.19
CA ALA B 57 -32.97 1.28 0.85
C ALA B 57 -31.66 1.73 0.19
N LEU B 58 -31.42 1.24 -1.03
CA LEU B 58 -30.25 1.60 -1.79
C LEU B 58 -30.63 1.92 -3.22
N PRO B 59 -29.83 2.74 -3.90
CA PRO B 59 -29.85 2.73 -5.38
C PRO B 59 -29.36 1.40 -5.91
N GLU B 60 -29.63 1.16 -7.19
CA GLU B 60 -28.78 0.31 -8.02
C GLU B 60 -27.50 1.06 -8.41
N ALA B 61 -26.73 1.41 -7.39
CA ALA B 61 -25.27 1.38 -7.49
C ALA B 61 -24.81 0.14 -8.25
N GLY B 62 -23.86 0.35 -9.15
CA GLY B 62 -23.27 -0.76 -9.86
C GLY B 62 -23.75 -0.86 -11.29
N THR B 63 -25.04 -0.63 -11.53
CA THR B 63 -25.45 0.03 -12.76
C THR B 63 -24.98 1.47 -12.79
N LEU B 64 -25.04 2.17 -11.65
CA LEU B 64 -24.42 3.48 -11.55
C LEU B 64 -22.91 3.39 -11.76
N ARG B 65 -22.26 2.42 -11.13
CA ARG B 65 -20.82 2.27 -11.29
C ARG B 65 -20.45 1.93 -12.73
N GLU B 66 -21.22 1.02 -13.35
CA GLU B 66 -20.89 0.57 -14.70
C GLU B 66 -21.06 1.70 -15.71
N ALA B 67 -22.12 2.49 -15.57
CA ALA B 67 -22.25 3.69 -16.41
C ALA B 67 -21.12 4.67 -16.17
N TYR B 68 -20.75 4.88 -14.90
CA TYR B 68 -19.69 5.84 -14.59
C TYR B 68 -18.34 5.37 -15.10
N GLY B 69 -18.04 4.07 -14.95
CA GLY B 69 -16.80 3.54 -15.49
C GLY B 69 -16.73 3.65 -17.00
N ARG B 70 -17.85 3.37 -17.68
CA ARG B 70 -17.90 3.55 -19.13
C ARG B 70 -17.74 5.02 -19.52
N ALA B 71 -18.25 5.93 -18.69
CA ALA B 71 -18.01 7.35 -18.94
C ALA B 71 -16.53 7.71 -18.83
N LEU B 72 -15.84 7.16 -17.83
CA LEU B 72 -14.42 7.47 -17.65
C LEU B 72 -13.59 6.97 -18.82
N ALA B 73 -13.90 5.78 -19.33
CA ALA B 73 -13.27 5.31 -20.56
C ALA B 73 -13.59 6.23 -21.74
N GLY B 74 -14.65 7.00 -21.66
CA GLY B 74 -15.11 7.75 -22.82
C GLY B 74 -15.95 6.95 -23.78
N ALA B 75 -16.82 6.08 -23.27
CA ALA B 75 -18.00 5.67 -24.02
C ALA B 75 -18.96 6.85 -24.19
N ARG B 76 -19.71 6.80 -25.29
CA ARG B 76 -20.92 7.62 -25.45
C ARG B 76 -22.08 6.86 -24.84
N LEU B 77 -22.48 7.26 -23.64
CA LEU B 77 -23.50 6.52 -22.90
C LEU B 77 -24.87 6.65 -23.56
N SER B 78 -25.69 5.63 -23.40
CA SER B 78 -27.07 5.70 -23.84
C SER B 78 -27.84 6.71 -23.01
N GLY B 79 -28.92 7.22 -23.59
CA GLY B 79 -29.78 8.17 -22.92
C GLY B 79 -30.36 7.67 -21.62
N PRO B 80 -31.14 6.58 -21.69
CA PRO B 80 -31.59 5.93 -20.45
C PRO B 80 -30.45 5.44 -19.58
N GLU B 81 -29.33 5.05 -20.17
CA GLU B 81 -28.17 4.66 -19.39
C GLU B 81 -27.65 5.82 -18.54
N LEU B 82 -27.61 7.02 -19.12
CA LEU B 82 -27.41 8.22 -18.30
C LEU B 82 -28.55 8.43 -17.32
N LEU B 83 -29.79 8.27 -17.78
CA LEU B 83 -30.94 8.54 -16.93
C LEU B 83 -30.98 7.59 -15.74
N LYS B 84 -30.71 6.30 -15.97
CA LYS B 84 -30.67 5.33 -14.88
C LYS B 84 -29.54 5.65 -13.90
N ALA B 85 -28.38 6.03 -14.42
CA ALA B 85 -27.30 6.51 -13.54
C ALA B 85 -27.71 7.77 -12.80
N ALA B 86 -28.39 8.69 -13.50
CA ALA B 86 -28.77 9.95 -12.86
C ALA B 86 -29.70 9.72 -11.69
N LYS B 87 -30.66 8.82 -11.84
CA LYS B 87 -31.58 8.52 -10.74
C LYS B 87 -30.83 7.94 -9.54
N ALA B 88 -29.87 7.04 -9.80
CA ALA B 88 -29.13 6.42 -8.70
C ALA B 88 -28.34 7.46 -7.91
N LEU B 89 -27.74 8.42 -8.61
CA LEU B 89 -27.13 9.56 -7.91
C LEU B 89 -28.17 10.34 -7.13
N GLU B 90 -29.36 10.56 -7.71
CA GLU B 90 -30.40 11.32 -7.03
C GLU B 90 -30.86 10.60 -5.77
N GLU B 91 -31.05 9.28 -5.84
CA GLU B 91 -31.45 8.52 -4.65
C GLU B 91 -30.32 8.46 -3.63
N ALA B 92 -29.07 8.46 -4.08
CA ALA B 92 -27.94 8.47 -3.15
C ALA B 92 -27.93 9.74 -2.32
N MET B 93 -28.18 10.89 -2.94
CA MET B 93 -28.30 12.14 -2.20
C MET B 93 -29.50 12.11 -1.27
N ALA B 94 -30.63 11.58 -1.75
CA ALA B 94 -31.83 11.52 -0.92
C ALA B 94 -31.62 10.63 0.29
N LEU B 95 -30.93 9.50 0.11
CA LEU B 95 -30.57 8.66 1.25
C LEU B 95 -29.68 9.43 2.23
N LYS B 96 -28.74 10.23 1.72
CA LYS B 96 -27.87 10.99 2.59
C LYS B 96 -28.66 11.93 3.48
N GLU B 97 -29.65 12.62 2.91
CA GLU B 97 -30.48 13.51 3.71
C GLU B 97 -31.41 12.73 4.63
N GLU B 98 -31.75 11.49 4.28
CA GLU B 98 -32.46 10.64 5.22
C GLU B 98 -31.58 10.25 6.41
N LEU B 99 -30.30 9.97 6.16
CA LEU B 99 -29.44 9.33 7.15
C LEU B 99 -28.75 10.33 8.07
N LEU B 100 -28.45 11.54 7.59
CA LEU B 100 -27.76 12.51 8.42
C LEU B 100 -28.50 12.89 9.70
N PRO B 101 -29.82 13.12 9.71
CA PRO B 101 -30.49 13.47 10.98
C PRO B 101 -30.46 12.36 12.01
N LEU B 102 -30.15 11.12 11.62
CA LEU B 102 -29.88 10.08 12.60
C LEU B 102 -28.66 10.43 13.46
N LYS B 103 -27.70 11.15 12.89
CA LYS B 103 -26.58 11.74 13.65
C LYS B 103 -25.78 10.67 14.39
N ASN B 104 -25.49 9.59 13.69
CA ASN B 104 -24.81 8.44 14.28
C ASN B 104 -23.93 7.81 13.20
N ALA B 105 -23.47 6.58 13.45
CA ALA B 105 -22.41 6.01 12.64
C ALA B 105 -22.87 5.76 11.20
N LEU B 106 -24.17 5.53 10.99
CA LEU B 106 -24.70 5.49 9.63
C LEU B 106 -24.51 6.81 8.92
N SER B 107 -24.74 7.93 9.62
CA SER B 107 -24.64 9.24 8.99
C SER B 107 -23.21 9.53 8.57
N GLN B 108 -22.23 9.07 9.36
CA GLN B 108 -20.83 9.36 9.07
C GLN B 108 -20.40 8.76 7.74
N VAL B 109 -20.84 7.52 7.45
CA VAL B 109 -20.65 6.95 6.12
C VAL B 109 -21.36 7.79 5.08
N ALA B 110 -22.60 8.19 5.36
CA ALA B 110 -23.41 8.90 4.38
C ALA B 110 -22.85 10.28 4.06
N GLU B 111 -21.99 10.83 4.93
CA GLU B 111 -21.33 12.09 4.62
C GLU B 111 -20.39 11.98 3.44
N GLY B 112 -19.97 10.77 3.07
CA GLY B 112 -19.23 10.57 1.83
C GLY B 112 -20.05 10.70 0.58
N ILE B 113 -21.38 10.66 0.69
CA ILE B 113 -22.25 10.82 -0.47
C ILE B 113 -22.17 12.25 -0.98
N GLY B 114 -21.85 12.40 -2.26
CA GLY B 114 -21.44 13.69 -2.79
C GLY B 114 -22.60 14.63 -2.97
N ASP B 115 -22.27 15.86 -3.39
CA ASP B 115 -23.23 16.75 -4.04
C ASP B 115 -23.16 16.53 -5.54
N HIS B 116 -24.15 15.82 -6.07
CA HIS B 116 -24.23 15.51 -7.50
C HIS B 116 -25.25 16.38 -8.21
N THR B 117 -25.63 17.51 -7.61
CA THR B 117 -26.66 18.36 -8.20
C THR B 117 -26.34 18.84 -9.60
N PRO B 118 -25.15 19.38 -9.90
CA PRO B 118 -24.92 19.93 -11.25
C PRO B 118 -25.09 18.91 -12.37
N PHE B 119 -24.71 17.66 -12.14
CA PHE B 119 -25.00 16.61 -13.12
C PHE B 119 -26.51 16.39 -13.24
N LEU B 120 -27.23 16.41 -12.12
CA LEU B 120 -28.65 16.12 -12.17
C LEU B 120 -29.41 17.17 -12.98
N GLU B 121 -29.22 18.44 -12.64
CA GLU B 121 -30.01 19.48 -13.29
C GLU B 121 -29.67 19.62 -14.77
N ARG B 122 -28.43 19.29 -15.15
CA ARG B 122 -28.16 19.00 -16.56
C ARG B 122 -29.10 17.93 -17.10
N VAL B 123 -29.23 16.82 -16.37
CA VAL B 123 -29.96 15.68 -16.89
C VAL B 123 -31.45 16.00 -17.00
N ARG B 124 -32.03 16.60 -15.95
CA ARG B 124 -33.48 16.78 -15.92
C ARG B 124 -33.92 17.72 -17.04
N LYS B 125 -33.14 18.76 -17.33
CA LYS B 125 -33.37 19.56 -18.53
C LYS B 125 -33.20 18.72 -19.80
N ALA B 126 -32.17 17.88 -19.84
CA ALA B 126 -31.68 17.37 -21.12
C ALA B 126 -32.61 16.31 -21.70
N LEU B 127 -33.11 15.41 -20.86
CA LEU B 127 -33.76 14.21 -21.35
C LEU B 127 -34.89 13.82 -20.42
N ASP B 128 -35.90 13.13 -20.97
CA ASP B 128 -37.20 13.01 -20.35
C ASP B 128 -37.26 11.75 -19.48
N GLU B 129 -38.47 11.37 -19.06
CA GLU B 129 -38.63 10.20 -18.21
C GLU B 129 -38.26 8.90 -18.93
N GLU B 130 -38.27 8.89 -20.26
CA GLU B 130 -37.98 7.68 -21.02
C GLU B 130 -36.53 7.57 -21.46
N GLY B 131 -35.71 8.60 -21.21
CA GLY B 131 -34.32 8.59 -21.59
C GLY B 131 -34.03 9.12 -22.98
N ALA B 132 -35.06 9.38 -23.78
CA ALA B 132 -34.88 10.11 -25.02
C ALA B 132 -34.57 11.58 -24.73
N VAL B 133 -33.96 12.24 -25.71
CA VAL B 133 -33.38 13.57 -25.52
C VAL B 133 -34.42 14.61 -25.90
N LYS B 134 -34.70 15.54 -24.99
CA LYS B 134 -35.79 16.47 -25.16
C LYS B 134 -35.53 17.42 -26.34
N ASP B 135 -36.59 18.09 -26.78
CA ASP B 135 -36.41 19.27 -27.61
C ASP B 135 -35.63 20.36 -26.89
N GLU B 136 -35.76 20.44 -25.56
CA GLU B 136 -35.19 21.55 -24.80
C GLU B 136 -33.66 21.56 -24.84
N ALA B 137 -33.03 20.45 -25.25
CA ALA B 137 -31.79 20.01 -24.61
C ALA B 137 -30.60 20.84 -25.08
N SER B 138 -30.43 20.97 -26.39
CA SER B 138 -29.77 22.13 -26.97
C SER B 138 -30.76 22.95 -27.79
N PRO B 139 -30.52 24.25 -27.96
CA PRO B 139 -31.26 25.00 -28.99
C PRO B 139 -31.02 24.47 -30.39
N ARG B 140 -29.83 23.95 -30.68
CA ARG B 140 -29.55 23.45 -32.02
C ARG B 140 -30.43 22.27 -32.37
N LEU B 141 -30.69 21.39 -31.39
CA LEU B 141 -31.66 20.31 -31.62
C LEU B 141 -33.08 20.86 -31.75
N ALA B 142 -33.41 21.88 -30.97
CA ALA B 142 -34.80 22.36 -30.94
C ALA B 142 -35.23 22.90 -32.30
N GLN B 143 -34.33 23.60 -32.99
CA GLN B 143 -34.59 23.98 -34.37
C GLN B 143 -34.75 22.74 -35.26
N ILE B 144 -33.91 21.73 -35.04
CA ILE B 144 -34.01 20.50 -35.82
C ILE B 144 -35.36 19.83 -35.56
N ARG B 145 -35.78 19.75 -34.30
CA ARG B 145 -37.08 19.17 -33.98
C ARG B 145 -38.22 20.03 -34.53
N ARG B 146 -38.08 21.35 -34.48
CA ARG B 146 -39.12 22.22 -34.99
C ARG B 146 -39.26 22.11 -36.51
N GLU B 147 -38.18 21.75 -37.20
CA GLU B 147 -38.23 21.53 -38.64
C GLU B 147 -38.53 20.08 -39.01
N LEU B 148 -38.73 19.21 -38.02
CA LEU B 148 -38.87 17.78 -38.25
C LEU B 148 -40.28 17.27 -38.01
N ARG B 149 -40.88 17.67 -36.87
CA ARG B 149 -42.23 17.19 -36.56
C ARG B 149 -43.27 17.63 -37.58
N PRO B 150 -43.34 18.90 -38.02
CA PRO B 150 -44.27 19.22 -39.10
C PRO B 150 -43.96 18.55 -40.42
N LEU B 151 -42.67 18.40 -40.75
CA LEU B 151 -42.29 17.73 -41.98
C LEU B 151 -42.70 16.26 -41.96
N ARG B 152 -42.76 15.65 -40.77
CA ARG B 152 -43.14 14.25 -40.66
C ARG B 152 -44.57 14.02 -41.15
N GLN B 153 -45.46 14.97 -40.87
CA GLN B 153 -46.67 15.12 -41.67
C GLN B 153 -46.38 15.91 -42.94
N GLN B 154 -45.36 15.52 -43.69
CA GLN B 154 -45.53 15.15 -45.09
C GLN B 154 -44.52 14.04 -45.41
N ILE B 155 -44.98 12.79 -45.35
CA ILE B 155 -46.34 12.47 -45.72
C ILE B 155 -47.18 12.20 -44.48
N LEU B 156 -48.00 13.18 -44.10
CA LEU B 156 -49.44 12.98 -43.94
C LEU B 156 -50.18 13.85 -44.94
N ASP B 157 -51.15 13.26 -45.64
CA ASP B 157 -50.90 12.56 -46.89
C ASP B 157 -50.86 11.04 -46.69
N ARG B 158 -51.45 10.32 -47.64
CA ARG B 158 -52.43 9.26 -47.37
C ARG B 158 -53.50 9.25 -48.46
N LEU B 159 -53.09 8.97 -49.69
CA LEU B 159 -53.88 9.31 -50.87
C LEU B 159 -54.77 8.13 -51.27
N TYR B 160 -55.96 8.45 -51.77
CA TYR B 160 -56.82 7.48 -52.42
C TYR B 160 -57.68 8.21 -53.44
N ALA B 161 -58.33 7.45 -54.35
CA ALA B 161 -57.69 6.47 -55.23
C ALA B 161 -57.25 5.21 -54.49
N LEU B 162 -58.19 4.60 -53.78
CA LEU B 162 -57.96 3.36 -53.03
C LEU B 162 -58.07 2.16 -53.96
N MET B 163 -58.17 0.96 -53.38
CA MET B 163 -57.30 -0.17 -53.72
C MET B 163 -55.83 0.22 -53.65
N ASP B 164 -55.47 0.90 -52.57
CA ASP B 164 -54.44 0.44 -51.65
C ASP B 164 -53.11 1.13 -51.95
N ASP B 172 -55.56 -2.37 -48.83
CA ASP B 172 -54.70 -2.66 -47.69
C ASP B 172 -54.34 -1.36 -46.94
N ARG B 173 -55.19 -0.99 -45.99
CA ARG B 173 -54.76 -0.60 -44.65
C ARG B 173 -54.02 0.75 -44.67
N PHE B 174 -52.72 0.73 -44.42
CA PHE B 174 -52.06 1.58 -43.44
C PHE B 174 -51.02 2.47 -44.14
N VAL B 175 -50.23 3.19 -43.34
CA VAL B 175 -48.95 3.75 -43.77
C VAL B 175 -47.85 3.22 -42.89
N THR B 176 -46.79 2.70 -43.52
CA THR B 176 -45.62 2.20 -42.83
C THR B 176 -44.36 2.83 -43.42
N LEU B 177 -43.22 2.55 -42.81
CA LEU B 177 -41.93 2.98 -43.32
C LEU B 177 -41.00 1.78 -43.43
N ARG B 178 -40.35 1.64 -44.59
CA ARG B 178 -39.42 0.57 -44.86
C ARG B 178 -38.08 1.15 -45.29
N ARG B 179 -36.99 0.60 -44.77
CA ARG B 179 -35.67 1.23 -44.84
C ARG B 179 -35.73 2.68 -44.37
N GLU B 180 -36.50 2.93 -43.31
CA GLU B 180 -36.58 4.23 -42.65
C GLU B 180 -37.02 5.33 -43.62
N ARG B 181 -37.81 4.97 -44.63
CA ARG B 181 -38.48 5.92 -45.50
C ARG B 181 -39.93 5.50 -45.66
N TYR B 182 -40.83 6.48 -45.69
CA TYR B 182 -42.25 6.19 -45.67
C TYR B 182 -42.70 5.53 -46.98
N CYS B 183 -43.74 4.70 -46.88
CA CYS B 183 -44.29 4.02 -48.05
C CYS B 183 -45.72 3.59 -47.73
N VAL B 184 -46.40 3.09 -48.76
CA VAL B 184 -47.75 2.53 -48.61
C VAL B 184 -47.82 1.16 -49.28
N PRO B 185 -48.65 0.25 -48.78
CA PRO B 185 -48.86 -1.02 -49.48
C PRO B 185 -49.93 -0.92 -50.56
N VAL B 186 -49.72 -1.64 -51.66
CA VAL B 186 -50.64 -1.64 -52.79
C VAL B 186 -50.51 -2.98 -53.52
N ARG B 187 -51.64 -3.54 -53.94
CA ARG B 187 -51.68 -4.76 -54.73
C ARG B 187 -52.18 -4.43 -56.14
N ALA B 188 -51.37 -4.78 -57.14
CA ALA B 188 -51.80 -4.80 -58.54
C ALA B 188 -52.32 -3.43 -58.98
N GLY B 189 -51.42 -2.44 -58.94
CA GLY B 189 -51.70 -1.15 -59.52
C GLY B 189 -50.46 -0.34 -59.82
N MET B 190 -50.40 0.29 -60.99
CA MET B 190 -51.01 1.59 -61.24
C MET B 190 -50.88 2.52 -60.04
N ALA B 191 -49.70 2.52 -59.41
CA ALA B 191 -49.26 3.65 -58.60
C ALA B 191 -47.74 3.62 -58.54
N GLN B 192 -47.11 4.76 -58.79
CA GLN B 192 -45.74 4.78 -59.29
C GLN B 192 -44.77 4.27 -58.23
N LYS B 193 -43.64 3.73 -58.69
CA LYS B 193 -42.29 4.05 -58.20
C LYS B 193 -41.70 2.88 -57.45
N VAL B 194 -41.09 3.13 -56.30
CA VAL B 194 -39.76 2.65 -55.97
C VAL B 194 -39.85 1.78 -54.72
N PRO B 195 -39.83 0.45 -54.87
CA PRO B 195 -40.52 -0.42 -53.90
C PRO B 195 -39.64 -0.79 -52.71
N GLY B 196 -40.25 -0.79 -51.53
CA GLY B 196 -39.52 -1.12 -50.32
C GLY B 196 -39.13 -2.58 -50.17
N ILE B 197 -40.11 -3.45 -49.90
CA ILE B 197 -40.01 -4.88 -50.15
C ILE B 197 -41.34 -5.36 -50.76
N LEU B 198 -41.45 -6.66 -50.96
CA LEU B 198 -42.66 -7.30 -51.46
C LEU B 198 -43.15 -8.34 -50.46
N LEU B 199 -44.17 -9.10 -50.86
CA LEU B 199 -45.01 -9.86 -49.94
C LEU B 199 -44.75 -11.34 -50.10
N ASP B 200 -45.54 -12.14 -49.39
CA ASP B 200 -45.77 -13.53 -49.78
C ASP B 200 -46.72 -14.20 -48.79
N ALA B 206 -47.51 -9.06 -52.51
CA ALA B 206 -48.90 -8.68 -52.30
C ALA B 206 -48.99 -7.22 -51.86
N THR B 207 -47.89 -6.66 -51.37
CA THR B 207 -47.91 -5.43 -50.61
C THR B 207 -47.17 -4.30 -51.31
N LEU B 208 -45.88 -4.46 -51.62
CA LEU B 208 -45.22 -3.79 -52.73
C LEU B 208 -44.96 -2.31 -52.45
N PHE B 209 -45.48 -1.79 -51.33
CA PHE B 209 -44.68 -1.14 -50.29
C PHE B 209 -43.88 0.03 -50.86
N ILE B 210 -44.62 1.05 -51.27
CA ILE B 210 -44.52 1.59 -52.63
C ILE B 210 -43.47 2.68 -52.73
N GLU B 211 -43.40 3.59 -51.75
CA GLU B 211 -42.64 4.83 -51.86
C GLU B 211 -43.06 5.58 -53.12
N PRO B 212 -44.20 6.26 -53.11
CA PRO B 212 -44.65 7.01 -54.29
C PRO B 212 -43.58 7.97 -54.79
N PHE B 213 -43.60 8.22 -56.10
CA PHE B 213 -42.65 9.15 -56.70
C PHE B 213 -42.81 10.56 -56.13
N SER B 214 -44.05 10.95 -55.77
CA SER B 214 -44.30 12.33 -55.40
C SER B 214 -43.56 12.72 -54.12
N VAL B 215 -43.33 11.76 -53.23
CA VAL B 215 -42.83 12.06 -51.89
C VAL B 215 -41.48 11.39 -51.67
N VAL B 216 -40.71 11.23 -52.75
CA VAL B 216 -39.30 10.90 -52.61
C VAL B 216 -38.50 12.11 -52.17
N LYS B 217 -38.72 13.26 -52.83
CA LYS B 217 -37.76 14.36 -52.72
C LYS B 217 -37.71 14.90 -51.31
N LEU B 218 -38.87 15.03 -50.65
CA LEU B 218 -38.94 15.42 -49.25
C LEU B 218 -38.95 14.22 -48.31
N ASN B 219 -38.55 13.04 -48.79
CA ASN B 219 -38.02 12.02 -47.89
C ASN B 219 -36.55 12.24 -47.57
N ASN B 220 -35.75 12.64 -48.57
CA ASN B 220 -34.31 12.78 -48.36
C ASN B 220 -34.01 13.90 -47.36
N ARG B 221 -34.70 15.03 -47.47
CA ARG B 221 -34.78 15.97 -46.36
C ARG B 221 -35.87 15.53 -45.38
N LEU B 222 -35.83 14.26 -45.00
CA LEU B 222 -36.12 13.83 -43.65
C LEU B 222 -35.01 12.91 -43.16
N GLN B 223 -34.41 12.16 -44.09
CA GLN B 223 -33.17 11.45 -43.78
C GLN B 223 -32.04 12.42 -43.44
N ALA B 224 -31.98 13.55 -44.15
CA ALA B 224 -30.98 14.57 -43.85
C ALA B 224 -31.14 15.07 -42.41
N LEU B 225 -32.35 15.46 -42.03
CA LEU B 225 -32.60 15.91 -40.66
C LEU B 225 -32.45 14.80 -39.64
N ARG B 226 -32.60 13.54 -40.05
CA ARG B 226 -32.26 12.42 -39.17
C ARG B 226 -30.77 12.40 -38.86
N LEU B 227 -29.93 12.59 -39.88
CA LEU B 227 -28.49 12.52 -39.64
C LEU B 227 -28.01 13.67 -38.76
N LYS B 228 -28.66 14.83 -38.84
CA LYS B 228 -28.39 15.90 -37.89
C LYS B 228 -28.96 15.61 -36.52
N GLU B 229 -29.98 14.77 -36.42
CA GLU B 229 -30.56 14.44 -35.12
C GLU B 229 -29.55 13.74 -34.23
N GLU B 230 -28.93 12.67 -34.72
CA GLU B 230 -27.86 12.03 -33.96
C GLU B 230 -26.68 12.97 -33.78
N GLU B 231 -26.32 13.69 -34.85
CA GLU B 231 -25.12 14.51 -34.84
C GLU B 231 -25.18 15.61 -33.79
N GLU B 232 -26.38 15.96 -33.33
CA GLU B 232 -26.53 16.84 -32.18
C GLU B 232 -26.94 16.12 -30.91
N VAL B 233 -27.54 14.93 -31.01
CA VAL B 233 -27.83 14.14 -29.82
C VAL B 233 -26.58 13.40 -29.35
N ASN B 234 -25.85 12.78 -30.27
CA ASN B 234 -24.59 12.15 -29.91
C ASN B 234 -23.49 13.16 -29.56
N ARG B 235 -23.71 14.45 -29.84
CA ARG B 235 -23.00 15.49 -29.10
C ARG B 235 -23.48 15.58 -27.65
N ILE B 236 -24.81 15.58 -27.46
CA ILE B 236 -25.36 15.84 -26.13
C ILE B 236 -25.08 14.67 -25.20
N LEU B 237 -25.34 13.44 -25.66
CA LEU B 237 -25.16 12.28 -24.80
C LEU B 237 -23.71 12.11 -24.38
N ARG B 238 -22.78 12.37 -25.31
CA ARG B 238 -21.36 12.38 -24.93
C ARG B 238 -21.07 13.48 -23.91
N ASP B 239 -21.58 14.69 -24.14
CA ASP B 239 -21.32 15.77 -23.20
C ASP B 239 -21.91 15.46 -21.84
N LEU B 240 -23.08 14.82 -21.80
CA LEU B 240 -23.62 14.34 -20.54
C LEU B 240 -22.73 13.27 -19.92
N SER B 241 -22.15 12.40 -20.75
CA SER B 241 -21.25 11.37 -20.23
C SER B 241 -20.00 12.00 -19.61
N GLU B 242 -19.39 12.95 -20.32
CA GLU B 242 -18.21 13.61 -19.78
C GLU B 242 -18.53 14.42 -18.52
N ARG B 243 -19.73 15.00 -18.46
CA ARG B 243 -20.17 15.64 -17.23
C ARG B 243 -20.33 14.62 -16.09
N LEU B 244 -20.72 13.40 -16.41
CA LEU B 244 -20.72 12.34 -15.40
C LEU B 244 -19.30 11.93 -15.02
N ALA B 245 -18.43 11.75 -16.01
CA ALA B 245 -17.07 11.30 -15.72
C ALA B 245 -16.30 12.34 -14.93
N LYS B 246 -16.38 13.60 -15.35
CA LYS B 246 -15.72 14.68 -14.63
C LYS B 246 -16.58 15.12 -13.44
N ASP B 247 -16.97 14.16 -12.60
CA ASP B 247 -17.73 14.41 -11.37
C ASP B 247 -17.01 13.68 -10.25
N GLU B 248 -16.13 14.39 -9.53
CA GLU B 248 -15.25 13.76 -8.57
C GLU B 248 -16.00 13.22 -7.35
N GLY B 249 -17.28 13.52 -7.20
CA GLY B 249 -18.02 13.06 -6.05
C GLY B 249 -18.41 11.60 -6.09
N VAL B 250 -18.37 10.98 -7.27
CA VAL B 250 -19.06 9.70 -7.50
C VAL B 250 -18.29 8.55 -6.84
N PRO B 251 -16.96 8.46 -6.95
CA PRO B 251 -16.24 7.44 -6.16
C PRO B 251 -16.53 7.49 -4.67
N LYS B 252 -16.35 8.66 -4.04
CA LYS B 252 -16.61 8.75 -2.60
C LYS B 252 -18.07 8.48 -2.26
N THR B 253 -18.97 8.74 -3.21
CA THR B 253 -20.35 8.30 -3.05
C THR B 253 -20.47 6.79 -3.24
N LEU B 254 -19.83 6.25 -4.28
CA LEU B 254 -19.90 4.81 -4.54
C LEU B 254 -19.26 4.01 -3.42
N GLU B 255 -18.13 4.49 -2.89
CA GLU B 255 -17.57 3.92 -1.68
C GLU B 255 -18.59 3.89 -0.56
N ALA B 256 -19.34 4.98 -0.40
CA ALA B 256 -20.25 5.10 0.73
C ALA B 256 -21.40 4.11 0.63
N LEU B 257 -21.93 3.90 -0.59
CA LEU B 257 -23.00 2.93 -0.76
C LEU B 257 -22.52 1.51 -0.49
N GLY B 258 -21.30 1.18 -0.95
CA GLY B 258 -20.81 -0.18 -0.82
C GLY B 258 -20.65 -0.61 0.62
N LEU B 259 -20.20 0.32 1.48
CA LEU B 259 -20.40 0.15 2.91
C LEU B 259 -21.88 -0.05 3.24
N LEU B 260 -22.71 0.94 2.90
CA LEU B 260 -24.10 0.92 3.34
C LEU B 260 -24.83 -0.30 2.80
N ASP B 261 -24.46 -0.78 1.63
CA ASP B 261 -24.98 -2.06 1.16
C ASP B 261 -24.42 -3.22 1.97
N LEU B 262 -23.10 -3.24 2.20
CA LEU B 262 -22.49 -4.30 2.98
C LEU B 262 -23.02 -4.29 4.41
N VAL B 263 -23.03 -3.12 5.04
CA VAL B 263 -23.52 -3.03 6.41
C VAL B 263 -25.01 -3.31 6.49
N GLN B 264 -25.75 -3.10 5.41
CA GLN B 264 -27.13 -3.60 5.35
C GLN B 264 -27.17 -5.12 5.44
N ALA B 265 -26.26 -5.80 4.72
CA ALA B 265 -26.26 -7.26 4.71
C ALA B 265 -25.68 -7.83 5.99
N GLN B 266 -24.65 -7.19 6.55
CA GLN B 266 -24.06 -7.65 7.81
C GLN B 266 -25.07 -7.61 8.95
N ALA B 267 -26.11 -6.78 8.84
CA ALA B 267 -27.22 -6.78 9.78
C ALA B 267 -28.31 -7.76 9.37
N ALA B 268 -28.70 -7.76 8.10
CA ALA B 268 -29.74 -8.67 7.64
C ALA B 268 -29.35 -10.13 7.77
N LEU B 269 -28.04 -10.43 7.78
CA LEU B 269 -27.58 -11.74 8.20
C LEU B 269 -27.98 -12.03 9.63
N ALA B 270 -27.71 -11.10 10.55
CA ALA B 270 -27.97 -11.34 11.96
C ALA B 270 -29.46 -11.50 12.24
N ARG B 271 -30.28 -10.69 11.57
CA ARG B 271 -31.73 -10.86 11.68
C ARG B 271 -32.15 -12.25 11.23
N ASP B 272 -31.53 -12.76 10.17
CA ASP B 272 -32.00 -13.98 9.52
C ASP B 272 -31.48 -15.25 10.19
N LEU B 273 -30.40 -15.18 10.95
CA LEU B 273 -29.78 -16.36 11.54
C LEU B 273 -29.88 -16.41 13.05
N GLY B 274 -29.92 -15.26 13.72
CA GLY B 274 -29.82 -15.23 15.18
C GLY B 274 -28.44 -14.84 15.66
N LEU B 275 -27.85 -13.83 15.04
CA LEU B 275 -26.50 -13.39 15.36
C LEU B 275 -26.55 -12.11 16.18
N SER B 276 -25.44 -11.86 16.90
CA SER B 276 -25.41 -10.89 17.98
C SER B 276 -24.09 -10.14 17.94
N ARG B 277 -24.07 -8.99 18.60
CA ARG B 277 -22.83 -8.23 18.68
C ARG B 277 -21.93 -8.83 19.76
N PRO B 278 -20.74 -9.28 19.43
CA PRO B 278 -19.78 -9.70 20.45
C PRO B 278 -19.14 -8.50 21.14
N ALA B 279 -18.36 -8.81 22.17
CA ALA B 279 -17.38 -7.87 22.70
C ALA B 279 -16.05 -8.59 22.91
N PHE B 280 -14.98 -7.81 22.85
CA PHE B 280 -13.64 -8.35 22.96
C PHE B 280 -13.07 -8.06 24.34
N GLY B 281 -12.67 -9.11 25.05
CA GLY B 281 -11.95 -8.96 26.30
C GLY B 281 -10.66 -9.76 26.33
N GLU B 282 -10.40 -10.43 27.44
CA GLU B 282 -9.18 -11.20 27.62
C GLU B 282 -9.46 -12.67 27.87
N ARG B 283 -10.64 -13.14 27.51
CA ARG B 283 -11.02 -14.54 27.68
C ARG B 283 -12.33 -14.79 26.96
N TYR B 284 -12.54 -16.03 26.54
CA TYR B 284 -13.71 -16.41 25.78
C TYR B 284 -14.81 -16.88 26.72
N GLU B 285 -16.04 -16.45 26.44
CA GLU B 285 -17.18 -16.89 27.22
C GLU B 285 -18.40 -16.77 26.30
N LEU B 286 -18.82 -17.91 25.76
CA LEU B 286 -19.94 -17.95 24.83
C LEU B 286 -21.21 -18.42 25.53
N TYR B 287 -22.33 -17.79 25.17
CA TYR B 287 -23.62 -17.96 25.82
C TYR B 287 -24.57 -18.47 24.75
N ARG B 288 -24.89 -19.76 24.79
CA ARG B 288 -25.83 -20.36 23.85
C ARG B 288 -25.35 -20.17 22.41
N ALA B 289 -24.16 -20.69 22.13
CA ALA B 289 -23.48 -20.51 20.86
C ALA B 289 -23.76 -21.70 19.94
N PHE B 290 -23.61 -21.47 18.64
CA PHE B 290 -24.05 -22.44 17.65
C PHE B 290 -23.30 -22.18 16.34
N HIS B 291 -23.43 -23.14 15.42
CA HIS B 291 -22.82 -23.02 14.11
C HIS B 291 -23.79 -22.34 13.15
N PRO B 292 -23.41 -21.23 12.52
CA PRO B 292 -24.36 -20.54 11.64
C PRO B 292 -24.87 -21.38 10.50
N LEU B 293 -24.05 -22.29 9.97
CA LEU B 293 -24.39 -23.06 8.78
C LEU B 293 -25.18 -24.33 9.09
N ILE B 294 -25.23 -24.74 10.35
CA ILE B 294 -26.04 -25.90 10.74
C ILE B 294 -27.47 -25.44 10.95
N PRO B 295 -28.44 -26.00 10.21
CA PRO B 295 -29.84 -25.65 10.45
C PRO B 295 -30.32 -26.15 11.80
N ASP B 296 -31.17 -25.34 12.44
CA ASP B 296 -31.81 -25.71 13.71
C ASP B 296 -30.77 -26.09 14.76
N ALA B 297 -29.67 -25.34 14.81
CA ALA B 297 -28.49 -25.81 15.51
C ALA B 297 -28.73 -25.84 17.01
N VAL B 298 -28.18 -26.85 17.66
CA VAL B 298 -28.27 -26.96 19.12
C VAL B 298 -27.35 -25.94 19.77
N ARG B 299 -27.88 -25.18 20.72
CA ARG B 299 -27.17 -24.05 21.29
C ARG B 299 -26.46 -24.47 22.57
N ASN B 300 -25.18 -24.11 22.66
CA ASN B 300 -24.33 -24.57 23.75
C ASN B 300 -23.46 -23.41 24.20
N SER B 301 -22.96 -23.51 25.43
CA SER B 301 -22.34 -22.36 26.08
C SER B 301 -21.19 -22.83 26.95
N PHE B 302 -20.01 -22.26 26.72
CA PHE B 302 -18.79 -22.65 27.42
C PHE B 302 -18.03 -21.38 27.76
N ALA B 303 -16.82 -21.55 28.31
CA ALA B 303 -15.93 -20.43 28.56
C ALA B 303 -14.51 -20.96 28.69
N LEU B 304 -13.58 -20.31 27.99
CA LEU B 304 -12.16 -20.59 28.13
C LEU B 304 -11.44 -19.34 28.61
N ASP B 305 -10.65 -19.49 29.68
CA ASP B 305 -10.02 -18.37 30.36
C ASP B 305 -8.73 -18.88 30.99
N GLU B 306 -7.91 -17.94 31.46
CA GLU B 306 -6.54 -18.30 31.83
C GLU B 306 -6.51 -19.39 32.90
N LYS B 307 -7.57 -19.51 33.69
CA LYS B 307 -7.68 -20.63 34.63
C LYS B 307 -8.02 -21.93 33.92
N ASN B 308 -8.87 -21.88 32.89
CA ASN B 308 -9.28 -23.06 32.13
C ASN B 308 -8.98 -22.82 30.65
N ARG B 309 -7.72 -23.08 30.26
CA ARG B 309 -7.27 -22.65 28.93
C ARG B 309 -7.86 -23.54 27.85
N ILE B 310 -7.85 -24.85 28.06
CA ILE B 310 -7.97 -25.82 26.98
C ILE B 310 -9.05 -26.82 27.35
N LEU B 311 -10.00 -27.05 26.45
CA LEU B 311 -11.24 -27.75 26.76
C LEU B 311 -11.28 -29.03 25.93
N LEU B 312 -11.31 -30.18 26.60
CA LEU B 312 -10.97 -31.46 26.00
C LEU B 312 -12.24 -32.29 25.86
N ILE B 313 -12.67 -32.52 24.62
CA ILE B 313 -14.03 -32.96 24.33
C ILE B 313 -14.00 -34.43 23.98
N SER B 314 -14.67 -35.25 24.79
CA SER B 314 -14.63 -36.70 24.67
C SER B 314 -15.99 -37.21 24.22
N GLY B 315 -16.01 -38.02 23.18
CA GLY B 315 -17.02 -37.92 22.15
C GLY B 315 -17.34 -39.25 21.52
N PRO B 316 -18.62 -39.61 21.49
CA PRO B 316 -19.15 -40.41 20.38
C PRO B 316 -19.49 -39.57 19.16
N ASN B 317 -18.50 -39.31 18.31
CA ASN B 317 -18.78 -39.01 16.91
C ASN B 317 -19.75 -40.03 16.33
N MET B 318 -20.81 -39.53 15.69
CA MET B 318 -20.89 -38.13 15.27
C MET B 318 -21.93 -37.37 16.08
N GLY B 319 -21.51 -36.79 17.20
CA GLY B 319 -22.44 -36.28 18.19
C GLY B 319 -22.20 -34.84 18.56
N GLY B 320 -21.26 -34.18 17.88
CA GLY B 320 -21.07 -32.76 18.07
C GLY B 320 -19.63 -32.31 18.05
N LYS B 321 -18.68 -33.25 18.01
CA LYS B 321 -17.30 -32.95 18.37
C LYS B 321 -16.70 -31.91 17.43
N THR B 322 -16.78 -32.16 16.13
CA THR B 322 -16.12 -31.28 15.16
C THR B 322 -16.91 -29.98 14.95
N ALA B 323 -18.24 -30.04 15.12
CA ALA B 323 -19.05 -28.85 14.91
C ALA B 323 -18.76 -27.77 15.95
N LEU B 324 -18.54 -28.17 17.21
CA LEU B 324 -18.19 -27.19 18.24
C LEU B 324 -16.85 -26.51 17.93
N LEU B 325 -15.86 -27.28 17.48
CA LEU B 325 -14.58 -26.69 17.11
C LEU B 325 -14.77 -25.66 16.01
N LYS B 326 -15.61 -25.97 15.01
CA LYS B 326 -15.97 -24.99 14.01
C LYS B 326 -16.86 -23.88 14.58
N THR B 327 -17.71 -24.22 15.55
CA THR B 327 -18.58 -23.21 16.14
C THR B 327 -17.79 -22.12 16.84
N LEU B 328 -16.80 -22.52 17.66
CA LEU B 328 -15.97 -21.53 18.32
C LEU B 328 -15.17 -20.71 17.31
N GLY B 329 -14.49 -21.39 16.38
CA GLY B 329 -13.60 -20.69 15.47
C GLY B 329 -14.34 -19.77 14.52
N LEU B 330 -15.52 -20.19 14.06
CA LEU B 330 -16.26 -19.37 13.11
C LEU B 330 -16.81 -18.12 13.78
N ALA B 331 -17.21 -18.23 15.05
CA ALA B 331 -17.67 -17.05 15.79
C ALA B 331 -16.55 -16.03 15.95
N VAL B 332 -15.33 -16.49 16.24
CA VAL B 332 -14.19 -15.59 16.37
C VAL B 332 -13.87 -14.91 15.05
N LEU B 333 -13.85 -15.67 13.95
CA LEU B 333 -13.48 -15.10 12.66
C LEU B 333 -14.54 -14.13 12.14
N MET B 334 -15.82 -14.45 12.35
CA MET B 334 -16.87 -13.50 12.03
C MET B 334 -16.75 -12.25 12.90
N ALA B 335 -16.40 -12.42 14.17
CA ALA B 335 -16.20 -11.27 15.06
C ALA B 335 -15.09 -10.37 14.55
N GLN B 336 -13.94 -10.95 14.21
CA GLN B 336 -12.83 -10.15 13.71
C GLN B 336 -13.13 -9.51 12.36
N SER B 337 -14.10 -10.05 11.62
CA SER B 337 -14.46 -9.53 10.31
C SER B 337 -15.57 -8.49 10.36
N GLY B 338 -16.03 -8.12 11.56
CA GLY B 338 -17.13 -7.19 11.71
C GLY B 338 -18.51 -7.81 11.62
N LEU B 339 -18.60 -9.12 11.40
CA LEU B 339 -19.89 -9.79 11.43
C LEU B 339 -20.39 -9.91 12.86
N PHE B 340 -21.71 -9.88 13.01
CA PHE B 340 -22.35 -10.41 14.21
C PHE B 340 -22.18 -11.93 14.27
N VAL B 341 -22.17 -12.46 15.49
CA VAL B 341 -21.61 -13.77 15.78
C VAL B 341 -22.64 -14.58 16.55
N ALA B 342 -22.40 -15.90 16.61
CA ALA B 342 -23.47 -16.88 16.64
C ALA B 342 -23.71 -17.30 18.09
N ALA B 343 -24.35 -16.40 18.83
CA ALA B 343 -24.56 -16.61 20.27
C ALA B 343 -25.74 -15.76 20.72
N GLU B 344 -26.32 -16.16 21.86
CA GLU B 344 -27.10 -15.21 22.64
C GLU B 344 -26.24 -14.03 23.09
N LYS B 345 -25.08 -14.32 23.67
CA LYS B 345 -24.08 -13.34 24.03
C LYS B 345 -22.71 -13.95 23.80
N ALA B 346 -21.76 -13.14 23.34
CA ALA B 346 -20.43 -13.64 23.02
C ALA B 346 -19.40 -12.67 23.59
N LEU B 347 -18.49 -13.19 24.40
CA LEU B 347 -17.26 -12.48 24.75
C LEU B 347 -16.08 -13.30 24.29
N LEU B 348 -15.29 -12.75 23.36
CA LEU B 348 -14.09 -13.37 22.84
C LEU B 348 -12.92 -12.42 22.97
N ALA B 349 -11.76 -12.96 23.35
CA ALA B 349 -10.50 -12.24 23.18
C ALA B 349 -10.09 -12.27 21.71
N TRP B 350 -8.91 -11.74 21.42
CA TRP B 350 -8.47 -11.48 20.05
C TRP B 350 -7.13 -12.18 19.84
N PRO B 351 -7.15 -13.44 19.40
CA PRO B 351 -5.88 -14.17 19.22
C PRO B 351 -5.03 -13.54 18.12
N ASP B 352 -3.72 -13.61 18.32
CA ASP B 352 -2.80 -13.21 17.25
C ASP B 352 -2.93 -14.12 16.04
N ARG B 353 -2.98 -15.43 16.27
CA ARG B 353 -3.30 -16.39 15.22
C ARG B 353 -4.24 -17.43 15.77
N VAL B 354 -5.29 -17.74 15.00
CA VAL B 354 -6.02 -18.99 15.18
C VAL B 354 -5.22 -20.12 14.52
N TYR B 355 -5.10 -21.24 15.24
CA TYR B 355 -4.54 -22.47 14.69
C TYR B 355 -5.65 -23.52 14.65
N ALA B 356 -6.00 -23.97 13.45
CA ALA B 356 -7.03 -24.98 13.28
C ALA B 356 -6.40 -26.25 12.74
N ASP B 357 -6.53 -27.34 13.49
CA ASP B 357 -6.21 -28.68 13.00
C ASP B 357 -7.54 -29.42 12.83
N ILE B 358 -7.99 -29.51 11.59
CA ILE B 358 -9.25 -30.18 11.24
C ILE B 358 -9.04 -30.92 9.94
N GLY B 359 -9.69 -32.07 9.80
CA GLY B 359 -9.50 -32.92 8.65
C GLY B 359 -10.12 -32.38 7.37
N ASP B 360 -10.30 -33.25 6.38
CA ASP B 360 -10.92 -32.88 5.11
C ASP B 360 -12.13 -33.76 4.82
N GLN B 365 -13.23 -42.38 8.02
CA GLN B 365 -11.85 -42.02 7.72
C GLN B 365 -10.92 -42.51 8.83
N GLU B 366 -9.94 -41.66 9.20
CA GLU B 366 -9.16 -41.82 10.42
C GLU B 366 -8.40 -43.15 10.43
N ASN B 367 -7.45 -43.27 9.48
CA ASN B 367 -6.22 -44.02 9.70
C ASN B 367 -5.09 -43.27 9.03
N LEU B 368 -4.19 -42.71 9.84
CA LEU B 368 -2.73 -42.89 9.84
C LEU B 368 -2.05 -42.13 8.70
N SER B 369 -2.79 -41.58 7.73
CA SER B 369 -2.34 -40.44 6.97
C SER B 369 -3.17 -39.20 7.17
N THR B 370 -4.40 -39.33 7.68
CA THR B 370 -4.99 -38.30 8.52
C THR B 370 -4.11 -37.99 9.73
N PHE B 371 -3.58 -39.03 10.37
CA PHE B 371 -2.81 -38.82 11.59
C PHE B 371 -1.51 -38.05 11.31
N ALA B 372 -0.86 -38.35 10.19
CA ALA B 372 0.32 -37.58 9.80
C ALA B 372 -0.06 -36.12 9.50
N GLY B 373 -1.20 -35.92 8.82
CA GLY B 373 -1.68 -34.55 8.61
C GLY B 373 -2.04 -33.86 9.90
N HIS B 374 -2.60 -34.59 10.86
CA HIS B 374 -2.81 -34.03 12.19
C HIS B 374 -1.50 -33.63 12.85
N LEU B 375 -0.48 -34.50 12.75
CA LEU B 375 0.81 -34.15 13.31
C LEU B 375 1.42 -32.95 12.62
N ARG B 376 1.23 -32.84 11.30
CA ARG B 376 1.85 -31.76 10.55
C ARG B 376 1.34 -30.40 10.99
N ARG B 377 0.04 -30.31 11.29
CA ARG B 377 -0.51 -29.06 11.80
C ARG B 377 -0.09 -28.81 13.26
N LEU B 378 -0.05 -29.87 14.07
CA LEU B 378 0.29 -29.70 15.47
C LEU B 378 1.72 -29.23 15.66
N ARG B 379 2.63 -29.65 14.78
CA ARG B 379 4.01 -29.15 14.83
C ARG B 379 4.04 -27.65 14.61
N GLU B 380 3.21 -27.14 13.71
CA GLU B 380 3.12 -25.70 13.51
C GLU B 380 2.69 -25.00 14.79
N MET B 381 1.72 -25.58 15.50
CA MET B 381 1.35 -25.05 16.82
C MET B 381 2.51 -25.15 17.80
N LEU B 382 3.23 -26.28 17.79
CA LEU B 382 4.27 -26.49 18.80
C LEU B 382 5.42 -25.49 18.67
N GLU B 383 5.59 -24.87 17.51
CA GLU B 383 6.75 -24.03 17.23
C GLU B 383 6.44 -22.55 17.41
N GLU B 384 5.33 -22.07 16.87
CA GLU B 384 5.09 -20.64 16.71
C GLU B 384 3.70 -20.26 17.18
N ALA B 385 3.23 -20.89 18.26
CA ALA B 385 2.05 -20.45 18.99
C ALA B 385 2.48 -19.74 20.27
N THR B 386 1.87 -18.59 20.53
CA THR B 386 2.08 -17.83 21.76
C THR B 386 0.94 -18.08 22.73
N SER B 387 1.10 -17.52 23.94
CA SER B 387 0.06 -17.62 24.95
C SER B 387 -1.21 -16.87 24.57
N HIS B 388 -1.17 -16.02 23.55
CA HIS B 388 -2.33 -15.31 23.06
C HIS B 388 -3.04 -16.03 21.93
N SER B 389 -2.61 -17.23 21.55
CA SER B 389 -3.07 -17.89 20.35
C SER B 389 -4.17 -18.90 20.69
N LEU B 390 -5.06 -19.12 19.72
CA LEU B 390 -6.24 -19.95 19.90
C LEU B 390 -6.10 -21.21 19.06
N VAL B 391 -6.20 -22.37 19.70
CA VAL B 391 -5.88 -23.66 19.07
C VAL B 391 -7.15 -24.51 19.05
N LEU B 392 -7.50 -25.00 17.86
CA LEU B 392 -8.56 -25.97 17.68
C LEU B 392 -7.97 -27.25 17.13
N ILE B 393 -8.17 -28.36 17.84
CA ILE B 393 -7.55 -29.64 17.52
C ILE B 393 -8.64 -30.69 17.45
N ASP B 394 -8.76 -31.34 16.30
CA ASP B 394 -9.76 -32.38 16.08
C ASP B 394 -9.09 -33.72 15.96
N GLU B 395 -9.67 -34.74 16.63
CA GLU B 395 -9.24 -36.13 16.49
C GLU B 395 -7.76 -36.29 16.86
N LEU B 396 -7.39 -35.70 17.99
CA LEU B 396 -6.04 -35.90 18.53
C LEU B 396 -5.81 -37.37 18.84
N GLY B 397 -4.68 -37.89 18.36
CA GLY B 397 -4.21 -39.19 18.78
C GLY B 397 -4.95 -40.36 18.17
N SER B 398 -5.96 -40.11 17.34
CA SER B 398 -6.67 -41.16 16.64
C SER B 398 -6.09 -41.36 15.25
N GLY B 399 -6.44 -42.48 14.63
CA GLY B 399 -5.83 -42.90 13.39
C GLY B 399 -4.56 -43.73 13.54
N THR B 400 -4.09 -43.95 14.77
CA THR B 400 -2.75 -44.45 15.01
C THR B 400 -2.79 -45.37 16.22
N ASP B 401 -1.60 -45.71 16.71
CA ASP B 401 -1.47 -46.60 17.84
C ASP B 401 -2.09 -45.98 19.09
N PRO B 402 -3.08 -46.62 19.71
CA PRO B 402 -3.65 -46.06 20.95
C PRO B 402 -2.67 -46.03 22.11
N GLU B 403 -1.61 -46.84 22.08
CA GLU B 403 -0.64 -46.83 23.17
C GLU B 403 0.40 -45.73 22.97
N GLU B 404 1.13 -45.79 21.85
CA GLU B 404 2.15 -44.78 21.59
C GLU B 404 1.52 -43.43 21.28
N GLY B 405 0.38 -43.42 20.59
CA GLY B 405 -0.30 -42.18 20.30
C GLY B 405 -0.79 -41.46 21.54
N ALA B 406 -1.18 -42.21 22.57
CA ALA B 406 -1.65 -41.58 23.81
C ALA B 406 -0.54 -40.79 24.49
N ALA B 407 0.67 -41.35 24.54
CA ALA B 407 1.79 -40.64 25.16
C ALA B 407 2.16 -39.40 24.36
N LEU B 408 2.16 -39.50 23.03
CA LEU B 408 2.40 -38.33 22.19
C LEU B 408 1.30 -37.28 22.38
N SER B 409 0.05 -37.72 22.45
CA SER B 409 -1.06 -36.78 22.56
C SER B 409 -1.01 -36.03 23.89
N GLN B 410 -0.72 -36.73 24.99
CA GLN B 410 -0.40 -36.04 26.23
C GLN B 410 0.83 -35.15 26.08
N ALA B 411 1.85 -35.64 25.36
CA ALA B 411 3.08 -34.85 25.21
C ALA B 411 2.81 -33.52 24.53
N ILE B 412 1.81 -33.47 23.64
CA ILE B 412 1.51 -32.22 22.95
C ILE B 412 0.59 -31.35 23.79
N LEU B 413 -0.32 -31.96 24.55
CA LEU B 413 -1.16 -31.19 25.47
C LEU B 413 -0.31 -30.51 26.55
N GLU B 414 0.66 -31.22 27.10
CA GLU B 414 1.55 -30.61 28.08
C GLU B 414 2.30 -29.43 27.49
N ALA B 415 2.73 -29.56 26.23
CA ALA B 415 3.47 -28.48 25.59
C ALA B 415 2.64 -27.20 25.54
N LEU B 416 1.33 -27.32 25.39
CA LEU B 416 0.47 -26.17 25.15
C LEU B 416 -0.13 -25.61 26.43
N LEU B 417 -0.34 -26.45 27.45
CA LEU B 417 -0.75 -25.96 28.75
C LEU B 417 0.35 -25.14 29.41
N GLU B 418 1.60 -25.60 29.32
CA GLU B 418 2.73 -24.78 29.73
C GLU B 418 2.89 -23.55 28.86
N ARG B 419 2.34 -23.56 27.65
CA ARG B 419 2.49 -22.45 26.72
C ARG B 419 1.46 -21.35 26.93
N GLY B 420 0.31 -21.67 27.53
CA GLY B 420 -0.68 -20.66 27.81
C GLY B 420 -1.62 -20.35 26.68
N VAL B 421 -1.56 -21.10 25.57
CA VAL B 421 -2.62 -21.04 24.58
C VAL B 421 -3.96 -21.37 25.24
N LYS B 422 -5.02 -20.83 24.66
CA LYS B 422 -6.37 -21.30 24.93
C LYS B 422 -6.93 -22.00 23.71
N GLY B 423 -7.84 -22.94 23.94
CA GLY B 423 -8.60 -23.49 22.84
C GLY B 423 -9.26 -24.80 23.25
N MET B 424 -9.50 -25.66 22.26
CA MET B 424 -10.47 -26.72 22.39
C MET B 424 -9.98 -27.94 21.62
N VAL B 425 -10.10 -29.12 22.24
CA VAL B 425 -9.55 -30.35 21.71
C VAL B 425 -10.63 -31.41 21.75
N THR B 426 -10.71 -32.22 20.68
CA THR B 426 -11.57 -33.40 20.66
C THR B 426 -10.72 -34.65 20.50
N THR B 427 -10.97 -35.66 21.34
CA THR B 427 -10.23 -36.91 21.28
C THR B 427 -11.10 -38.05 21.78
N HIS B 428 -10.71 -39.27 21.42
CA HIS B 428 -11.38 -40.48 21.89
C HIS B 428 -10.58 -41.23 22.95
N LEU B 429 -9.38 -40.77 23.28
CA LEU B 429 -8.38 -41.60 23.94
C LEU B 429 -8.65 -41.57 25.45
N SER B 430 -9.09 -42.71 25.98
CA SER B 430 -9.39 -42.79 27.40
C SER B 430 -8.21 -42.41 28.30
N PRO B 431 -6.95 -42.77 28.00
CA PRO B 431 -5.85 -42.22 28.80
C PRO B 431 -5.76 -40.70 28.79
N LEU B 432 -6.33 -40.03 27.79
CA LEU B 432 -6.40 -38.57 27.82
C LEU B 432 -7.52 -38.06 28.72
N LYS B 433 -8.61 -38.82 28.84
CA LYS B 433 -9.65 -38.43 29.80
C LYS B 433 -9.11 -38.46 31.22
N ALA B 434 -8.34 -39.49 31.57
CA ALA B 434 -7.72 -39.56 32.89
C ALA B 434 -6.70 -38.45 33.09
N PHE B 435 -6.21 -37.84 32.01
CA PHE B 435 -5.20 -36.79 32.10
C PHE B 435 -5.82 -35.42 32.35
N ALA B 436 -7.06 -35.20 31.92
CA ALA B 436 -7.68 -33.90 32.07
C ALA B 436 -8.16 -33.65 33.50
N GLN B 437 -8.49 -34.70 34.24
CA GLN B 437 -8.46 -34.62 35.70
C GLN B 437 -7.02 -34.46 36.18
N GLY B 438 -6.87 -33.72 37.28
CA GLY B 438 -5.60 -33.67 37.97
C GLY B 438 -4.52 -32.86 37.30
N ARG B 439 -4.80 -32.25 36.15
CA ARG B 439 -3.85 -31.39 35.45
C ARG B 439 -4.48 -30.02 35.20
N GLU B 440 -3.89 -28.99 35.80
CA GLU B 440 -4.50 -27.67 35.78
C GLU B 440 -4.56 -27.11 34.36
N GLY B 441 -5.64 -26.39 34.06
CA GLY B 441 -5.74 -25.64 32.83
C GLY B 441 -6.35 -26.39 31.68
N ILE B 442 -6.57 -27.70 31.80
CA ILE B 442 -7.37 -28.47 30.87
C ILE B 442 -8.55 -29.07 31.61
N GLN B 443 -9.70 -29.09 30.96
CA GLN B 443 -10.91 -29.62 31.58
C GLN B 443 -11.63 -30.54 30.61
N ASN B 444 -12.37 -31.50 31.17
CA ASN B 444 -13.13 -32.45 30.37
C ASN B 444 -14.52 -31.93 30.06
N ALA B 445 -15.02 -32.30 28.89
CA ALA B 445 -16.45 -32.22 28.60
C ALA B 445 -16.78 -33.23 27.51
N SER B 446 -18.08 -33.55 27.40
CA SER B 446 -18.54 -34.61 26.51
C SER B 446 -19.77 -34.14 25.76
N MET B 447 -20.30 -35.02 24.92
CA MET B 447 -21.57 -34.80 24.22
C MET B 447 -22.58 -35.82 24.73
N ARG B 448 -23.75 -35.33 25.13
CA ARG B 448 -24.78 -36.22 25.62
C ARG B 448 -25.23 -37.16 24.51
N PHE B 449 -25.71 -38.34 24.92
CA PHE B 449 -26.42 -39.23 24.01
C PHE B 449 -27.67 -39.76 24.73
N ASP B 450 -28.83 -39.56 24.11
CA ASP B 450 -30.03 -40.30 24.49
C ASP B 450 -29.93 -41.70 23.91
N LEU B 451 -29.14 -42.54 24.58
CA LEU B 451 -28.99 -43.93 24.16
C LEU B 451 -30.29 -44.69 24.30
N GLU B 452 -31.15 -44.30 25.25
CA GLU B 452 -32.53 -44.77 25.24
C GLU B 452 -33.22 -44.41 23.94
N ALA B 453 -33.15 -43.14 23.54
CA ALA B 453 -33.71 -42.71 22.27
C ALA B 453 -32.78 -42.98 21.09
N LEU B 454 -31.58 -43.48 21.32
CA LEU B 454 -30.69 -43.97 20.28
C LEU B 454 -30.32 -42.85 19.30
N ARG B 455 -30.00 -41.70 19.86
CA ARG B 455 -29.80 -40.47 19.10
C ARG B 455 -28.69 -39.68 19.75
N PRO B 456 -28.03 -38.81 19.00
CA PRO B 456 -27.25 -37.73 19.60
C PRO B 456 -28.06 -36.43 19.71
N THR B 457 -27.55 -35.53 20.55
CA THR B 457 -28.40 -34.75 21.45
C THR B 457 -28.61 -33.31 21.01
N TYR B 458 -27.67 -32.73 20.25
CA TYR B 458 -26.23 -32.68 20.53
C TYR B 458 -25.90 -31.62 21.59
N GLU B 459 -26.23 -31.93 22.84
CA GLU B 459 -25.92 -31.04 23.95
C GLU B 459 -24.45 -31.15 24.32
N LEU B 460 -24.02 -30.38 25.31
CA LEU B 460 -22.64 -30.39 25.80
C LEU B 460 -22.66 -30.44 27.31
N VAL B 461 -21.89 -31.36 27.86
CA VAL B 461 -21.83 -31.60 29.31
C VAL B 461 -20.44 -31.20 29.76
N LEU B 462 -20.31 -29.99 30.29
CA LEU B 462 -19.05 -29.54 30.83
C LEU B 462 -18.69 -30.32 32.09
N GLY B 463 -17.40 -30.66 32.22
CA GLY B 463 -16.89 -31.30 33.41
C GLY B 463 -16.94 -32.81 33.40
N VAL B 464 -17.61 -33.41 32.42
CA VAL B 464 -17.94 -34.82 32.44
C VAL B 464 -17.41 -35.44 31.15
N PRO B 465 -16.48 -36.40 31.22
CA PRO B 465 -15.88 -36.94 29.99
C PRO B 465 -16.83 -37.84 29.22
N GLY B 466 -16.36 -38.38 28.11
CA GLY B 466 -17.16 -39.27 27.29
C GLY B 466 -17.22 -40.69 27.85
N ARG B 467 -17.95 -40.85 28.95
CA ARG B 467 -17.94 -42.10 29.71
C ARG B 467 -18.83 -43.12 28.99
N SER B 468 -19.15 -44.21 29.67
CA SER B 468 -19.13 -45.54 29.07
C SER B 468 -20.45 -45.82 28.35
N TYR B 469 -20.37 -46.24 27.09
CA TYR B 469 -21.54 -46.44 26.24
C TYR B 469 -21.79 -47.89 25.85
N ALA B 470 -20.80 -48.76 25.95
CA ALA B 470 -20.78 -49.97 25.11
C ALA B 470 -21.70 -51.05 25.66
N LEU B 471 -21.67 -51.28 26.98
CA LEU B 471 -22.55 -52.28 27.58
C LEU B 471 -24.02 -51.91 27.41
N ALA B 472 -24.35 -50.64 27.64
CA ALA B 472 -25.74 -50.24 27.70
C ALA B 472 -26.42 -50.29 26.34
N ILE B 473 -25.64 -50.27 25.25
CA ILE B 473 -26.18 -50.67 23.94
C ILE B 473 -26.65 -52.12 23.98
N ALA B 474 -25.84 -53.01 24.56
CA ALA B 474 -26.06 -54.43 24.39
C ALA B 474 -27.39 -54.88 25.00
N ARG B 475 -27.74 -54.34 26.18
CA ARG B 475 -28.94 -54.80 26.87
C ARG B 475 -30.20 -54.46 26.09
N ARG B 476 -30.25 -53.28 25.47
CA ARG B 476 -31.34 -52.94 24.57
C ARG B 476 -31.37 -53.82 23.33
N LEU B 477 -30.29 -54.54 23.03
CA LEU B 477 -30.14 -55.27 21.78
C LEU B 477 -30.24 -56.77 21.95
N ALA B 478 -30.61 -57.25 23.15
CA ALA B 478 -31.01 -58.64 23.37
C ALA B 478 -29.86 -59.61 23.10
N LEU B 479 -28.73 -59.36 23.75
CA LEU B 479 -27.58 -60.25 23.72
C LEU B 479 -27.65 -61.27 24.86
N PRO B 480 -26.93 -62.38 24.73
CA PRO B 480 -26.99 -63.42 25.78
C PRO B 480 -26.57 -62.88 27.14
N GLU B 481 -27.27 -63.33 28.17
CA GLU B 481 -26.95 -62.96 29.53
C GLU B 481 -25.91 -63.87 30.17
N GLU B 482 -25.56 -65.00 29.53
CA GLU B 482 -24.33 -65.69 29.89
C GLU B 482 -23.12 -64.83 29.61
N VAL B 483 -23.15 -64.07 28.52
CA VAL B 483 -22.24 -62.94 28.36
C VAL B 483 -22.50 -61.90 29.44
N LEU B 484 -21.54 -60.99 29.62
CA LEU B 484 -21.52 -59.97 30.69
C LEU B 484 -21.43 -60.62 32.08
N LYS B 485 -20.34 -61.36 32.35
CA LYS B 485 -18.97 -61.14 31.88
C LYS B 485 -18.51 -59.67 31.78
N ARG B 486 -18.32 -59.07 32.94
CA ARG B 486 -17.89 -57.71 33.06
C ARG B 486 -16.62 -57.76 33.87
N ALA B 487 -15.54 -57.30 33.28
CA ALA B 487 -14.24 -57.33 33.91
C ALA B 487 -14.08 -56.12 34.79
N GLU B 488 -13.97 -54.94 34.19
CA GLU B 488 -13.91 -53.73 34.98
C GLU B 488 -12.60 -53.61 35.73
#